data_1TOK
#
_entry.id   1TOK
#
_cell.length_a   140.142
_cell.length_b   140.142
_cell.length_c   81.075
_cell.angle_alpha   90.00
_cell.angle_beta   90.00
_cell.angle_gamma   120.00
#
_symmetry.space_group_name_H-M   'P 63'
#
loop_
_entity.id
_entity.type
_entity.pdbx_description
1 polymer 'Aspartate aminotransferase'
2 non-polymer 'MALEIC ACID'
3 water water
#
_entity_poly.entity_id   1
_entity_poly.type   'polypeptide(L)'
_entity_poly.pdbx_seq_one_letter_code
;MFENITATTADPILGLADLFRADERPGKIDLGIGVYKDETGKTPVLTSVKKAEQYLLENETTKNYLGIDGIPEFGRCTQE
LLFGKGSALINDKRARTAQTPGGSGALRVAADFLAKNTSVKRVWVSNPSWPNHKSVFNSAGLEVREYAYYDAENHTLDFD
ALINSLNEAQAGDVVLFHGCCHNPTGIDPTLEQWQTLAQLSVEKGWLPLFDFAYQGFARGLEEDAEGLRAFAAMHKELIV
ASSYS(LLP)NFALYNERVGACTLVAADSETVDRAFGQMKAAIRANYSSPPAHGASVVATILSNDALRAIWEQELTDMRQ
RIQRMRQLFVNTLQEKGANRDFSFIIKQNGMFSFSGLTKEQVLRLREEFGVYAVASGRVNVAGMTPDNMAPLCEAIVAVL
;
_entity_poly.pdbx_strand_id   A,B
#
# COMPACT_ATOMS: atom_id res chain seq x y z
N MET A 1 -19.92 7.18 -17.52
CA MET A 1 -19.28 7.92 -16.39
C MET A 1 -17.82 8.25 -16.66
N PHE A 2 -17.19 7.53 -17.62
CA PHE A 2 -15.75 7.68 -17.89
C PHE A 2 -15.44 8.46 -19.18
N GLU A 3 -16.47 8.71 -19.99
CA GLU A 3 -16.28 9.29 -21.33
C GLU A 3 -15.63 10.66 -21.33
N ASN A 4 -15.87 11.44 -20.28
CA ASN A 4 -15.40 12.82 -20.25
C ASN A 4 -14.26 13.08 -19.26
N ILE A 5 -13.66 12.00 -18.76
CA ILE A 5 -12.49 12.14 -17.90
C ILE A 5 -11.39 12.87 -18.66
N THR A 6 -10.82 13.88 -18.02
CA THR A 6 -9.72 14.64 -18.61
C THR A 6 -8.41 13.81 -18.65
N ALA A 7 -7.69 13.89 -19.76
CA ALA A 7 -6.40 13.21 -19.86
C ALA A 7 -5.38 13.83 -18.89
N THR A 8 -4.44 13.00 -18.44
CA THR A 8 -3.33 13.42 -17.57
C THR A 8 -2.03 13.26 -18.35
N THR A 9 -1.01 14.08 -18.10
CA THR A 9 0.34 13.71 -18.55
C THR A 9 1.00 12.89 -17.44
N ALA A 10 1.88 11.97 -17.82
CA ALA A 10 2.47 11.07 -16.84
C ALA A 10 3.30 11.85 -15.83
N ASP A 11 3.57 11.20 -14.70
CA ASP A 11 4.40 11.77 -13.67
C ASP A 11 5.74 12.31 -14.21
N PRO A 12 6.18 13.48 -13.74
CA PRO A 12 7.47 14.04 -14.20
C PRO A 12 8.66 13.13 -13.90
N ILE A 13 8.56 12.32 -12.85
CA ILE A 13 9.65 11.41 -12.51
C ILE A 13 9.30 10.02 -13.02
N LEU A 14 8.14 9.50 -12.60
CA LEU A 14 7.84 8.11 -12.91
C LEU A 14 7.51 7.90 -14.40
N GLY A 15 7.03 8.94 -15.05
CA GLY A 15 6.81 8.92 -16.51
C GLY A 15 8.09 8.63 -17.32
N LEU A 16 9.27 8.83 -16.72
CA LEU A 16 10.54 8.57 -17.43
C LEU A 16 10.86 7.09 -17.68
N ALA A 17 10.40 6.21 -16.79
CA ALA A 17 10.64 4.78 -16.93
C ALA A 17 10.14 4.26 -18.26
N ASP A 18 8.88 4.59 -18.59
CA ASP A 18 8.27 4.15 -19.83
C ASP A 18 8.99 4.74 -21.01
N LEU A 19 9.26 6.04 -20.95
CA LEU A 19 9.98 6.71 -22.01
C LEU A 19 11.35 6.07 -22.17
N PHE A 20 12.08 5.94 -21.08
CA PHE A 20 13.39 5.31 -21.13
C PHE A 20 13.35 3.90 -21.72
N ARG A 21 12.44 3.08 -21.24
CA ARG A 21 12.37 1.68 -21.67
C ARG A 21 12.06 1.54 -23.17
N ALA A 22 11.18 2.39 -23.69
CA ALA A 22 10.77 2.28 -25.08
C ALA A 22 11.88 2.67 -26.05
N ASP A 23 12.80 3.51 -25.60
CA ASP A 23 13.91 4.02 -26.42
C ASP A 23 14.78 2.88 -26.91
N GLU A 24 15.05 2.86 -28.21
CA GLU A 24 15.68 1.69 -28.83
C GLU A 24 17.18 1.88 -29.02
N ARG A 25 17.68 3.05 -28.62
CA ARG A 25 19.06 3.39 -28.84
C ARG A 25 19.90 2.71 -27.77
N PRO A 26 20.88 1.90 -28.16
CA PRO A 26 21.64 1.10 -27.21
C PRO A 26 22.38 1.97 -26.21
N GLY A 27 22.83 3.14 -26.64
CA GLY A 27 23.56 4.07 -25.79
C GLY A 27 22.73 4.92 -24.85
N LYS A 28 21.45 4.62 -24.68
CA LYS A 28 20.60 5.41 -23.77
C LYS A 28 21.10 5.37 -22.33
N ILE A 29 20.89 6.46 -21.59
CA ILE A 29 21.38 6.59 -20.21
C ILE A 29 20.27 7.12 -19.31
N ASP A 30 19.98 6.37 -18.25
CA ASP A 30 18.88 6.73 -17.35
C ASP A 30 19.40 7.51 -16.14
N LEU A 31 19.16 8.82 -16.14
CA LEU A 31 19.51 9.67 -15.00
C LEU A 31 18.27 10.26 -14.34
N GLY A 32 17.17 9.50 -14.37
CA GLY A 32 15.86 10.03 -13.95
C GLY A 32 15.49 9.64 -12.52
N ILE A 33 14.70 8.58 -12.38
CA ILE A 33 14.23 8.10 -11.08
C ILE A 33 15.41 7.77 -10.18
N GLY A 34 15.32 8.18 -8.92
CA GLY A 34 16.39 8.04 -7.95
C GLY A 34 16.56 6.61 -7.47
N VAL A 35 17.27 5.82 -8.27
CA VAL A 35 17.68 4.49 -7.83
C VAL A 35 19.21 4.38 -7.92
N TYR A 36 19.81 3.68 -6.96
CA TYR A 36 21.26 3.47 -6.94
C TYR A 36 21.65 2.46 -8.02
N LYS A 37 22.70 2.78 -8.79
CA LYS A 37 23.33 1.82 -9.71
C LYS A 37 24.75 1.55 -9.22
N ASP A 38 25.22 0.33 -9.43
CA ASP A 38 26.60 0.00 -9.09
C ASP A 38 27.49 0.31 -10.27
N GLU A 39 28.76 -0.04 -10.17
CA GLU A 39 29.72 0.29 -11.21
C GLU A 39 29.37 -0.30 -12.57
N THR A 40 28.56 -1.37 -12.58
CA THR A 40 28.15 -2.03 -13.84
C THR A 40 26.95 -1.38 -14.52
N GLY A 41 26.32 -0.41 -13.87
CA GLY A 41 25.15 0.26 -14.44
C GLY A 41 23.87 -0.52 -14.16
N LYS A 42 23.95 -1.42 -13.19
CA LYS A 42 22.78 -2.21 -12.79
C LYS A 42 22.29 -1.74 -11.42
N THR A 43 21.07 -2.09 -11.06
CA THR A 43 20.56 -1.80 -9.72
C THR A 43 20.44 -3.11 -8.95
N PRO A 44 21.48 -3.55 -8.26
CA PRO A 44 21.51 -4.90 -7.71
C PRO A 44 20.73 -5.02 -6.42
N VAL A 45 20.39 -6.24 -6.06
CA VAL A 45 19.85 -6.51 -4.73
C VAL A 45 21.05 -6.57 -3.81
N LEU A 46 20.95 -5.93 -2.65
CA LEU A 46 22.03 -5.96 -1.67
C LEU A 46 22.32 -7.40 -1.22
N THR A 47 23.59 -7.68 -0.91
CA THR A 47 23.96 -8.97 -0.36
C THR A 47 23.23 -9.32 0.95
N SER A 48 23.16 -8.34 1.87
CA SER A 48 22.44 -8.51 3.12
C SER A 48 20.96 -8.85 2.87
N VAL A 49 20.38 -8.23 1.85
CA VAL A 49 18.98 -8.45 1.49
C VAL A 49 18.76 -9.87 0.95
N LYS A 50 19.60 -10.29 0.03
CA LYS A 50 19.51 -11.66 -0.47
C LYS A 50 19.63 -12.70 0.65
N LYS A 51 20.55 -12.46 1.59
CA LYS A 51 20.76 -13.38 2.71
C LYS A 51 19.51 -13.40 3.59
N ALA A 52 18.95 -12.23 3.83
CA ALA A 52 17.69 -12.15 4.58
C ALA A 52 16.54 -12.85 3.85
N GLU A 53 16.45 -12.66 2.54
CA GLU A 53 15.42 -13.36 1.75
C GLU A 53 15.57 -14.88 1.78
N GLN A 54 16.82 -15.35 1.81
CA GLN A 54 17.09 -16.79 1.89
C GLN A 54 16.61 -17.32 3.25
N TYR A 55 16.88 -16.56 4.30
CA TYR A 55 16.38 -16.87 5.63
C TYR A 55 14.85 -16.91 5.66
N LEU A 56 14.18 -15.91 5.08
CA LEU A 56 12.72 -15.93 5.07
C LEU A 56 12.17 -17.12 4.29
N LEU A 57 12.79 -17.44 3.16
CA LEU A 57 12.34 -18.60 2.37
C LEU A 57 12.29 -19.87 3.20
N GLU A 58 13.36 -20.13 3.95
CA GLU A 58 13.49 -21.41 4.65
C GLU A 58 12.79 -21.41 5.99
N ASN A 59 12.43 -20.23 6.49
CA ASN A 59 11.93 -20.13 7.86
C ASN A 59 10.51 -19.62 8.05
N GLU A 60 10.01 -18.85 7.08
CA GLU A 60 8.62 -18.37 7.15
C GLU A 60 7.67 -19.53 7.06
N THR A 61 6.66 -19.56 7.93
CA THR A 61 5.71 -20.67 7.87
C THR A 61 4.27 -20.20 7.63
N THR A 62 4.09 -18.91 7.42
CA THR A 62 2.74 -18.34 7.23
C THR A 62 2.83 -17.01 6.50
N LYS A 63 1.75 -16.66 5.80
CA LYS A 63 1.58 -15.31 5.29
C LYS A 63 0.43 -14.61 6.03
N ASN A 64 0.09 -15.10 7.22
CA ASN A 64 -1.02 -14.52 8.00
C ASN A 64 -0.85 -13.01 8.08
N TYR A 65 -1.97 -12.27 8.00
CA TYR A 65 -1.97 -10.79 8.04
C TYR A 65 -1.11 -10.25 9.17
N LEU A 66 -0.31 -9.23 8.88
CA LEU A 66 0.28 -8.43 9.93
C LEU A 66 -0.84 -7.58 10.57
N GLY A 67 -0.57 -7.04 11.74
CA GLY A 67 -1.42 -5.98 12.28
C GLY A 67 -1.42 -4.76 11.37
N ILE A 68 -2.40 -3.89 11.56
CA ILE A 68 -2.52 -2.70 10.71
C ILE A 68 -1.19 -1.92 10.70
N ASP A 69 -0.49 -1.94 11.84
CA ASP A 69 0.77 -1.20 11.97
C ASP A 69 2.03 -2.02 11.64
N GLY A 70 1.83 -3.27 11.23
CA GLY A 70 2.93 -4.07 10.67
C GLY A 70 3.74 -4.80 11.73
N ILE A 71 4.97 -5.16 11.39
CA ILE A 71 5.80 -6.01 12.24
C ILE A 71 6.32 -5.21 13.43
N PRO A 72 6.03 -5.65 14.66
CA PRO A 72 6.50 -4.95 15.86
C PRO A 72 8.01 -4.68 15.89
N GLU A 73 8.84 -5.67 15.54
CA GLU A 73 10.30 -5.50 15.55
C GLU A 73 10.74 -4.39 14.58
N PHE A 74 10.04 -4.31 13.45
CA PHE A 74 10.33 -3.31 12.43
C PHE A 74 10.10 -1.92 13.01
N GLY A 75 9.01 -1.75 13.73
CA GLY A 75 8.72 -0.51 14.47
C GLY A 75 9.82 -0.13 15.47
N ARG A 76 10.22 -1.08 16.30
CA ARG A 76 11.26 -0.85 17.30
C ARG A 76 12.58 -0.43 16.65
N CYS A 77 12.98 -1.19 15.62
CA CYS A 77 14.20 -0.88 14.89
C CYS A 77 14.16 0.50 14.22
N THR A 78 13.01 0.91 13.67
CA THR A 78 13.00 2.21 13.01
C THR A 78 13.02 3.37 14.00
N GLN A 79 12.33 3.23 15.13
CA GLN A 79 12.45 4.24 16.18
C GLN A 79 13.89 4.43 16.68
N GLU A 80 14.64 3.34 16.81
CA GLU A 80 16.04 3.46 17.22
C GLU A 80 16.85 4.17 16.16
N LEU A 81 16.55 3.89 14.90
CA LEU A 81 17.27 4.52 13.79
C LEU A 81 16.97 6.02 13.75
N LEU A 82 15.69 6.35 13.92
CA LEU A 82 15.23 7.73 13.93
C LEU A 82 15.75 8.57 15.09
N PHE A 83 15.65 8.01 16.30
CA PHE A 83 15.79 8.82 17.52
C PHE A 83 17.04 8.53 18.31
N GLY A 84 17.65 7.38 18.04
CA GLY A 84 18.84 6.98 18.80
C GLY A 84 18.45 5.99 19.88
N LYS A 85 19.24 4.92 19.99
CA LYS A 85 19.11 3.95 21.05
C LYS A 85 19.13 4.74 22.36
N GLY A 86 18.14 4.51 23.21
CA GLY A 86 18.12 5.11 24.54
C GLY A 86 17.61 6.55 24.55
N SER A 87 16.98 6.96 23.46
CA SER A 87 16.30 8.24 23.38
C SER A 87 15.14 8.35 24.37
N ALA A 88 15.01 9.53 24.98
CA ALA A 88 13.88 9.87 25.82
C ALA A 88 12.54 9.54 25.16
N LEU A 89 12.41 9.79 23.86
CA LEU A 89 11.15 9.52 23.14
C LEU A 89 10.79 8.03 23.17
N ILE A 90 11.79 7.16 23.17
CA ILE A 90 11.56 5.73 23.20
C ILE A 90 11.32 5.27 24.65
N ASN A 91 12.13 5.80 25.57
CA ASN A 91 12.04 5.45 26.97
C ASN A 91 10.69 5.87 27.54
N ASP A 92 10.19 7.01 27.08
CA ASP A 92 8.95 7.58 27.59
C ASP A 92 7.73 7.11 26.79
N LYS A 93 7.97 6.21 25.83
CA LYS A 93 6.90 5.63 25.01
C LYS A 93 6.02 6.71 24.35
N ARG A 94 6.68 7.73 23.80
CA ARG A 94 6.02 8.88 23.22
C ARG A 94 5.79 8.71 21.72
N ALA A 95 6.34 7.64 21.15
CA ALA A 95 6.31 7.43 19.70
C ALA A 95 5.64 6.11 19.33
N ARG A 96 4.86 6.12 18.26
CA ARG A 96 4.25 4.90 17.74
C ARG A 96 4.52 4.83 16.24
N THR A 97 4.89 3.65 15.75
CA THR A 97 5.25 3.47 14.35
C THR A 97 4.32 2.51 13.61
N ALA A 98 3.79 2.96 12.47
CA ALA A 98 3.18 2.07 11.50
C ALA A 98 4.16 1.81 10.37
N GLN A 99 4.40 0.53 10.12
CA GLN A 99 5.05 0.11 8.86
C GLN A 99 4.10 0.44 7.70
N THR A 100 4.62 1.03 6.61
CA THR A 100 3.77 1.48 5.49
C THR A 100 4.37 1.04 4.15
N PRO A 101 3.57 1.06 3.08
CA PRO A 101 4.07 0.81 1.73
C PRO A 101 4.88 2.01 1.24
N GLY A 102 6.17 2.02 1.61
CA GLY A 102 7.10 3.08 1.19
C GLY A 102 7.02 4.34 2.00
N GLY A 103 7.97 5.25 1.76
CA GLY A 103 7.85 6.60 2.29
C GLY A 103 6.59 7.27 1.76
N SER A 104 6.26 7.00 0.50
CA SER A 104 5.05 7.57 -0.12
C SER A 104 3.82 7.22 0.69
N GLY A 105 3.64 5.93 0.95
CA GLY A 105 2.46 5.48 1.72
C GLY A 105 2.48 6.15 3.09
N ALA A 106 3.68 6.31 3.67
CA ALA A 106 3.76 6.97 4.98
C ALA A 106 3.33 8.44 4.95
N LEU A 107 3.68 9.14 3.86
CA LEU A 107 3.24 10.52 3.69
C LEU A 107 1.73 10.61 3.55
N ARG A 108 1.15 9.72 2.75
CA ARG A 108 -0.30 9.74 2.55
C ARG A 108 -1.04 9.38 3.85
N VAL A 109 -0.52 8.40 4.58
CA VAL A 109 -1.12 8.04 5.87
C VAL A 109 -1.09 9.23 6.82
N ALA A 110 0.04 9.93 6.85
CA ALA A 110 0.17 11.10 7.73
C ALA A 110 -0.80 12.21 7.32
N ALA A 111 -0.93 12.42 6.01
CA ALA A 111 -1.82 13.44 5.50
C ALA A 111 -3.29 13.14 5.78
N ASP A 112 -3.70 11.90 5.49
CA ASP A 112 -5.07 11.46 5.79
C ASP A 112 -5.34 11.57 7.31
N PHE A 113 -4.40 11.06 8.10
CA PHE A 113 -4.50 11.16 9.57
C PHE A 113 -4.79 12.59 10.03
N LEU A 114 -4.01 13.55 9.54
CA LEU A 114 -4.15 14.94 9.96
C LEU A 114 -5.45 15.58 9.44
N ALA A 115 -5.76 15.33 8.18
CA ALA A 115 -6.96 15.90 7.55
C ALA A 115 -8.25 15.43 8.23
N LYS A 116 -8.25 14.16 8.63
CA LYS A 116 -9.47 13.52 9.13
C LYS A 116 -9.65 13.66 10.64
N ASN A 117 -8.56 14.02 11.33
CA ASN A 117 -8.57 13.98 12.79
C ASN A 117 -8.19 15.25 13.51
N THR A 118 -7.73 16.26 12.78
CA THR A 118 -7.30 17.53 13.38
C THR A 118 -7.90 18.73 12.64
N SER A 119 -7.51 19.93 13.09
CA SER A 119 -7.84 21.18 12.40
C SER A 119 -6.83 21.56 11.30
N VAL A 120 -5.90 20.67 11.00
CA VAL A 120 -4.89 21.00 9.99
C VAL A 120 -5.55 21.20 8.62
N LYS A 121 -5.23 22.32 7.99
CA LYS A 121 -5.74 22.66 6.69
C LYS A 121 -4.63 22.80 5.63
N ARG A 122 -3.39 23.08 6.07
CA ARG A 122 -2.32 23.32 5.10
C ARG A 122 -0.95 22.81 5.51
N VAL A 123 -0.13 22.54 4.48
CA VAL A 123 1.22 22.03 4.66
C VAL A 123 2.19 22.94 3.93
N TRP A 124 3.25 23.37 4.62
CA TRP A 124 4.25 24.23 4.01
C TRP A 124 5.39 23.37 3.47
N VAL A 125 5.69 23.50 2.18
CA VAL A 125 6.70 22.67 1.55
C VAL A 125 7.76 23.56 0.88
N SER A 126 9.02 23.11 0.87
CA SER A 126 10.10 23.95 0.32
C SER A 126 9.89 24.20 -1.16
N ASN A 127 10.35 25.37 -1.64
CA ASN A 127 9.98 25.80 -2.99
C ASN A 127 10.31 24.78 -4.07
N PRO A 128 11.58 24.38 -4.24
CA PRO A 128 11.80 23.15 -4.91
C PRO A 128 11.59 22.08 -3.83
N SER A 129 10.69 21.15 -4.14
CA SER A 129 10.63 19.91 -3.38
C SER A 129 10.32 18.82 -4.38
N TRP A 130 10.30 17.58 -3.88
CA TRP A 130 9.81 16.44 -4.65
C TRP A 130 8.41 16.73 -5.18
N PRO A 131 8.17 16.58 -6.49
CA PRO A 131 6.89 16.98 -7.07
C PRO A 131 5.69 16.23 -6.51
N ASN A 132 5.93 15.03 -5.95
CA ASN A 132 4.81 14.26 -5.42
C ASN A 132 4.28 14.76 -4.07
N HIS A 133 5.04 15.61 -3.37
CA HIS A 133 4.54 16.13 -2.08
C HIS A 133 3.21 16.86 -2.28
N LYS A 134 3.14 17.76 -3.25
CA LYS A 134 1.89 18.49 -3.48
C LYS A 134 0.72 17.56 -3.78
N SER A 135 0.95 16.56 -4.61
CA SER A 135 -0.10 15.64 -5.02
C SER A 135 -0.63 14.86 -3.82
N VAL A 136 0.29 14.30 -3.03
CA VAL A 136 -0.11 13.55 -1.84
C VAL A 136 -0.96 14.41 -0.90
N PHE A 137 -0.47 15.60 -0.55
CA PHE A 137 -1.20 16.43 0.40
C PHE A 137 -2.52 16.96 -0.16
N ASN A 138 -2.51 17.43 -1.41
CA ASN A 138 -3.78 17.82 -2.06
C ASN A 138 -4.80 16.68 -2.09
N SER A 139 -4.34 15.47 -2.35
CA SER A 139 -5.24 14.31 -2.47
C SER A 139 -5.92 14.00 -1.15
N ALA A 140 -5.18 14.21 -0.07
CA ALA A 140 -5.70 14.11 1.30
C ALA A 140 -6.64 15.24 1.70
N GLY A 141 -6.67 16.31 0.92
CA GLY A 141 -7.59 17.43 1.16
C GLY A 141 -6.92 18.62 1.79
N LEU A 142 -5.59 18.60 1.83
CA LEU A 142 -4.81 19.68 2.43
C LEU A 142 -4.30 20.66 1.39
N GLU A 143 -4.32 21.94 1.75
CA GLU A 143 -3.70 22.99 0.93
C GLU A 143 -2.18 22.90 1.07
N VAL A 144 -1.48 23.17 -0.02
CA VAL A 144 -0.04 23.33 0.13
C VAL A 144 0.44 24.71 -0.26
N ARG A 145 1.27 25.28 0.61
CA ARG A 145 1.92 26.57 0.40
C ARG A 145 3.41 26.32 0.36
N GLU A 146 4.13 27.13 -0.40
CA GLU A 146 5.58 27.03 -0.49
C GLU A 146 6.34 27.99 0.41
N TYR A 147 7.46 27.53 0.94
CA TYR A 147 8.38 28.46 1.60
C TYR A 147 9.69 28.51 0.85
N ALA A 148 10.36 29.67 0.88
CA ALA A 148 11.62 29.84 0.18
C ALA A 148 12.64 28.92 0.77
N TYR A 149 13.54 28.43 -0.07
CA TYR A 149 14.54 27.49 0.37
C TYR A 149 15.82 27.64 -0.45
N TYR A 150 15.68 27.59 -1.77
CA TYR A 150 16.85 27.51 -2.64
C TYR A 150 17.11 28.82 -3.35
N ASP A 151 18.36 29.24 -3.35
CA ASP A 151 18.83 30.34 -4.18
C ASP A 151 19.45 29.75 -5.46
N ALA A 152 18.71 29.81 -6.57
CA ALA A 152 19.10 29.11 -7.80
C ALA A 152 20.31 29.69 -8.51
N GLU A 153 20.55 30.99 -8.32
CA GLU A 153 21.69 31.66 -8.92
C GLU A 153 22.98 31.32 -8.17
N ASN A 154 22.91 31.30 -6.85
CA ASN A 154 24.07 30.98 -6.05
C ASN A 154 24.20 29.49 -5.77
N HIS A 155 23.14 28.74 -6.09
CA HIS A 155 23.04 27.32 -5.77
C HIS A 155 23.29 27.08 -4.29
N THR A 156 22.56 27.82 -3.44
CA THR A 156 22.75 27.72 -2.01
C THR A 156 21.39 27.73 -1.27
N LEU A 157 21.41 27.35 0.00
CA LEU A 157 20.24 27.50 0.86
C LEU A 157 20.16 28.96 1.29
N ASP A 158 19.05 29.61 0.99
CA ASP A 158 18.82 30.99 1.39
C ASP A 158 18.11 30.97 2.75
N PHE A 159 18.88 30.80 3.81
CA PHE A 159 18.30 30.59 5.14
C PHE A 159 17.45 31.76 5.61
N ASP A 160 17.93 32.97 5.33
CA ASP A 160 17.19 34.16 5.71
C ASP A 160 15.83 34.22 5.00
N ALA A 161 15.80 33.87 3.71
CA ALA A 161 14.55 33.89 2.95
C ALA A 161 13.59 32.79 3.40
N LEU A 162 14.17 31.67 3.85
CA LEU A 162 13.42 30.55 4.41
C LEU A 162 12.67 31.00 5.67
N ILE A 163 13.42 31.53 6.62
CA ILE A 163 12.86 32.02 7.88
C ILE A 163 11.77 33.06 7.61
N ASN A 164 12.04 33.97 6.68
CA ASN A 164 11.10 35.06 6.42
C ASN A 164 9.78 34.58 5.82
N SER A 165 9.86 33.73 4.79
CA SER A 165 8.67 33.12 4.20
C SER A 165 7.84 32.33 5.20
N LEU A 166 8.48 31.67 6.15
CA LEU A 166 7.77 30.80 7.12
C LEU A 166 7.07 31.58 8.24
N ASN A 167 7.29 32.89 8.27
CA ASN A 167 6.55 33.73 9.19
C ASN A 167 5.08 33.80 8.83
N GLU A 168 4.77 33.44 7.60
CA GLU A 168 3.39 33.37 7.17
C GLU A 168 2.70 32.10 7.66
N ALA A 169 3.49 31.11 8.06
CA ALA A 169 2.95 29.87 8.65
C ALA A 169 2.40 30.09 10.05
N GLN A 170 1.15 29.67 10.25
CA GLN A 170 0.46 29.88 11.52
C GLN A 170 0.58 28.68 12.46
N ALA A 171 0.30 28.90 13.75
CA ALA A 171 0.23 27.78 14.67
C ALA A 171 -0.82 26.80 14.18
N GLY A 172 -0.45 25.52 14.16
CA GLY A 172 -1.37 24.48 13.75
C GLY A 172 -1.19 24.11 12.28
N ASP A 173 -0.40 24.91 11.56
CA ASP A 173 0.04 24.52 10.20
C ASP A 173 1.16 23.48 10.28
N VAL A 174 1.22 22.62 9.27
CA VAL A 174 2.27 21.63 9.16
C VAL A 174 3.39 22.25 8.32
N VAL A 175 4.63 22.03 8.74
CA VAL A 175 5.76 22.39 7.90
C VAL A 175 6.58 21.13 7.62
N LEU A 176 6.80 20.88 6.34
CA LEU A 176 7.51 19.70 5.89
C LEU A 176 9.02 19.99 5.82
N PHE A 177 9.82 19.12 6.44
CA PHE A 177 11.28 19.23 6.37
C PHE A 177 11.80 17.92 5.80
N HIS A 178 12.82 17.99 4.94
CA HIS A 178 13.49 16.77 4.47
C HIS A 178 14.60 16.47 5.49
N GLY A 179 14.62 15.26 6.04
CA GLY A 179 15.59 14.93 7.12
C GLY A 179 17.05 15.12 6.74
N CYS A 180 17.38 14.72 5.50
CA CYS A 180 18.71 14.94 4.91
C CYS A 180 18.58 14.71 3.40
N CYS A 181 19.62 15.09 2.65
CA CYS A 181 19.60 14.90 1.19
C CYS A 181 18.35 15.52 0.58
N HIS A 182 18.14 16.81 0.88
CA HIS A 182 17.01 17.55 0.33
C HIS A 182 16.82 17.19 -1.16
N ASN A 183 15.58 16.83 -1.52
CA ASN A 183 15.26 16.52 -2.92
C ASN A 183 14.37 17.64 -3.52
N PRO A 184 14.85 18.36 -4.54
CA PRO A 184 16.00 18.01 -5.41
C PRO A 184 17.37 18.68 -5.20
N THR A 185 17.49 19.60 -4.26
CA THR A 185 18.65 20.48 -4.22
C THR A 185 19.96 19.88 -3.71
N GLY A 186 19.86 18.82 -2.90
CA GLY A 186 21.04 18.28 -2.21
C GLY A 186 21.58 19.18 -1.11
N ILE A 187 20.89 20.27 -0.81
CA ILE A 187 21.35 21.19 0.23
C ILE A 187 20.52 21.09 1.51
N ASP A 188 21.20 20.77 2.62
CA ASP A 188 20.56 20.56 3.91
C ASP A 188 20.93 21.68 4.89
N PRO A 189 20.04 21.97 5.85
CA PRO A 189 20.43 22.85 6.97
C PRO A 189 21.65 22.29 7.67
N THR A 190 22.50 23.16 8.20
CA THR A 190 23.56 22.74 9.09
C THR A 190 22.91 22.38 10.42
N LEU A 191 23.65 21.76 11.33
CA LEU A 191 23.13 21.49 12.68
C LEU A 191 22.60 22.78 13.33
N GLU A 192 23.38 23.85 13.25
CA GLU A 192 22.99 25.10 13.92
C GLU A 192 21.68 25.63 13.34
N GLN A 193 21.55 25.48 12.02
CA GLN A 193 20.34 25.90 11.32
C GLN A 193 19.14 25.03 11.67
N TRP A 194 19.35 23.72 11.76
CA TRP A 194 18.30 22.83 12.27
C TRP A 194 17.84 23.29 13.65
N GLN A 195 18.81 23.61 14.52
CA GLN A 195 18.52 23.99 15.91
C GLN A 195 17.72 25.29 15.99
N THR A 196 18.05 26.22 15.09
CA THR A 196 17.30 27.46 14.91
C THR A 196 15.85 27.23 14.45
N LEU A 197 15.67 26.39 13.44
CA LEU A 197 14.35 26.03 12.95
C LEU A 197 13.55 25.29 13.98
N ALA A 198 14.20 24.45 14.79
CA ALA A 198 13.55 23.73 15.87
C ALA A 198 12.99 24.73 16.88
N GLN A 199 13.82 25.69 17.27
CA GLN A 199 13.42 26.74 18.20
C GLN A 199 12.27 27.56 17.63
N LEU A 200 12.38 27.98 16.38
CA LEU A 200 11.33 28.77 15.74
C LEU A 200 10.02 27.99 15.60
N SER A 201 10.15 26.72 15.22
CA SER A 201 9.00 25.84 15.10
C SER A 201 8.22 25.74 16.41
N VAL A 202 8.95 25.63 17.51
CA VAL A 202 8.33 25.58 18.83
C VAL A 202 7.60 26.90 19.10
N GLU A 203 8.31 28.00 18.86
CA GLU A 203 7.80 29.34 19.12
C GLU A 203 6.48 29.57 18.38
N LYS A 204 6.46 29.19 17.11
CA LYS A 204 5.36 29.55 16.23
C LYS A 204 4.23 28.52 16.25
N GLY A 205 4.45 27.39 16.92
CA GLY A 205 3.44 26.34 17.04
C GLY A 205 3.17 25.54 15.77
N TRP A 206 4.17 25.41 14.91
CA TRP A 206 4.03 24.53 13.73
C TRP A 206 4.01 23.06 14.15
N LEU A 207 3.46 22.21 13.29
CA LEU A 207 3.64 20.77 13.46
C LEU A 207 4.64 20.29 12.42
N PRO A 208 5.83 19.85 12.86
CA PRO A 208 6.86 19.37 11.95
C PRO A 208 6.50 18.02 11.39
N LEU A 209 6.58 17.90 10.07
CA LEU A 209 6.50 16.64 9.38
C LEU A 209 7.83 16.42 8.68
N PHE A 210 8.56 15.39 9.11
CA PHE A 210 9.82 15.02 8.48
C PHE A 210 9.61 13.96 7.40
N ASP A 211 10.10 14.27 6.21
CA ASP A 211 10.23 13.28 5.15
C ASP A 211 11.70 12.82 5.19
N PHE A 212 11.90 11.56 5.56
CA PHE A 212 13.26 11.06 5.81
C PHE A 212 13.48 9.84 4.92
N ALA A 213 13.74 10.09 3.64
CA ALA A 213 13.86 8.99 2.66
C ALA A 213 15.30 8.53 2.41
N TYR A 214 16.28 9.30 2.87
CA TYR A 214 17.71 9.07 2.50
C TYR A 214 18.63 8.95 3.71
N GLN A 215 18.11 8.47 4.83
CA GLN A 215 18.99 8.30 5.99
C GLN A 215 20.19 7.40 5.67
N GLY A 216 21.39 7.96 5.81
CA GLY A 216 22.61 7.24 5.48
C GLY A 216 23.33 7.78 4.25
N PHE A 217 22.63 8.59 3.43
CA PHE A 217 23.19 9.01 2.14
C PHE A 217 23.87 10.37 2.16
N ALA A 218 23.75 11.12 3.26
CA ALA A 218 24.47 12.40 3.34
C ALA A 218 25.83 12.22 3.98
N ARG A 219 25.85 11.91 5.27
CA ARG A 219 27.11 11.68 5.99
C ARG A 219 27.16 10.29 6.61
N GLY A 220 26.04 9.86 7.18
CA GLY A 220 25.95 8.54 7.80
C GLY A 220 24.65 8.41 8.57
N LEU A 221 24.37 7.19 9.05
CA LEU A 221 23.08 6.90 9.68
C LEU A 221 22.78 7.86 10.83
N GLU A 222 23.68 7.94 11.81
CA GLU A 222 23.43 8.76 13.00
C GLU A 222 23.51 10.25 12.68
N GLU A 223 24.50 10.64 11.88
CA GLU A 223 24.70 12.05 11.57
C GLU A 223 23.49 12.62 10.82
N ASP A 224 22.98 11.84 9.88
CA ASP A 224 21.84 12.25 9.04
C ASP A 224 20.57 12.49 9.83
N ALA A 225 20.51 11.93 11.04
CA ALA A 225 19.33 12.11 11.90
C ALA A 225 19.48 13.24 12.93
N GLU A 226 20.58 13.99 12.88
CA GLU A 226 20.81 15.07 13.86
C GLU A 226 19.73 16.15 13.79
N GLY A 227 19.31 16.50 12.57
CA GLY A 227 18.24 17.47 12.38
C GLY A 227 16.93 17.03 13.01
N LEU A 228 16.49 15.83 12.65
CA LEU A 228 15.30 15.27 13.23
C LEU A 228 15.39 15.20 14.77
N ARG A 229 16.53 14.76 15.29
CA ARG A 229 16.71 14.59 16.73
C ARG A 229 16.71 15.92 17.49
N ALA A 230 17.26 16.95 16.84
CA ALA A 230 17.20 18.31 17.40
C ALA A 230 15.76 18.78 17.52
N PHE A 231 14.95 18.52 16.48
CA PHE A 231 13.49 18.77 16.55
C PHE A 231 12.83 17.94 17.65
N ALA A 232 13.18 16.66 17.72
CA ALA A 232 12.60 15.74 18.70
C ALA A 232 12.91 16.14 20.13
N ALA A 233 14.07 16.76 20.36
CA ALA A 233 14.45 17.26 21.69
C ALA A 233 13.62 18.46 22.15
N MET A 234 12.98 19.14 21.20
CA MET A 234 12.31 20.42 21.46
C MET A 234 10.78 20.34 21.43
N HIS A 235 10.25 19.40 20.66
CA HIS A 235 8.82 19.36 20.38
C HIS A 235 8.08 18.33 21.22
N LYS A 236 6.83 18.64 21.56
CA LYS A 236 5.92 17.62 22.09
C LYS A 236 5.39 16.72 20.97
N GLU A 237 5.19 17.31 19.78
CA GLU A 237 4.53 16.63 18.68
C GLU A 237 5.27 16.76 17.36
N LEU A 238 5.40 15.64 16.65
CA LEU A 238 5.87 15.64 15.29
C LEU A 238 5.52 14.31 14.61
N ILE A 239 5.68 14.26 13.30
CA ILE A 239 5.47 13.04 12.54
C ILE A 239 6.67 12.85 11.61
N VAL A 240 7.11 11.60 11.46
CA VAL A 240 8.21 11.27 10.52
C VAL A 240 7.68 10.26 9.52
N ALA A 241 7.81 10.58 8.23
CA ALA A 241 7.53 9.62 7.17
C ALA A 241 8.88 9.18 6.63
N SER A 242 9.30 7.96 6.97
CA SER A 242 10.63 7.51 6.54
C SER A 242 10.55 6.39 5.52
N SER A 243 11.65 6.19 4.79
CA SER A 243 11.69 5.16 3.76
C SER A 243 12.96 4.33 3.88
N TYR A 244 12.81 3.04 3.58
CA TYR A 244 13.93 2.13 3.44
C TYR A 244 14.15 1.73 1.97
N SER A 245 13.45 2.40 1.06
CA SER A 245 13.59 2.09 -0.37
C SER A 245 15.02 2.27 -0.83
N ASN A 247 18.00 3.21 1.17
CA ASN A 247 19.11 2.71 2.01
C ASN A 247 19.21 1.18 2.14
N PHE A 248 18.14 0.48 1.74
CA PHE A 248 18.19 -0.99 1.54
C PHE A 248 18.09 -1.41 0.06
N ALA A 249 18.04 -0.45 -0.86
CA ALA A 249 17.84 -0.76 -2.29
C ALA A 249 16.70 -1.76 -2.46
N LEU A 250 15.60 -1.44 -1.77
CA LEU A 250 14.45 -2.29 -1.68
C LEU A 250 13.24 -1.60 -2.31
N TYR A 251 13.48 -0.70 -3.27
CA TYR A 251 12.44 0.16 -3.87
C TYR A 251 11.11 -0.52 -4.12
N ASN A 252 11.11 -1.63 -4.85
CA ASN A 252 9.83 -2.22 -5.30
C ASN A 252 9.08 -3.03 -4.26
N GLU A 253 9.67 -3.20 -3.09
CA GLU A 253 8.99 -3.94 -2.03
C GLU A 253 8.18 -3.02 -1.12
N ARG A 254 8.40 -1.70 -1.25
CA ARG A 254 7.55 -0.67 -0.61
C ARG A 254 7.65 -0.73 0.91
N VAL A 255 8.78 -0.26 1.42
CA VAL A 255 9.07 -0.41 2.84
C VAL A 255 9.34 0.97 3.43
N GLY A 256 8.43 1.45 4.26
CA GLY A 256 8.64 2.74 4.92
C GLY A 256 7.96 2.71 6.25
N ALA A 257 7.88 3.88 6.87
CA ALA A 257 7.25 3.96 8.19
C ALA A 257 6.72 5.36 8.43
N CYS A 258 5.57 5.40 9.09
CA CYS A 258 5.00 6.64 9.59
C CYS A 258 5.07 6.58 11.11
N THR A 259 5.84 7.50 11.69
CA THR A 259 6.00 7.53 13.14
C THR A 259 5.38 8.79 13.72
N LEU A 260 4.47 8.55 14.67
CA LEU A 260 3.73 9.59 15.34
C LEU A 260 4.42 9.84 16.68
N VAL A 261 4.69 11.09 16.99
CA VAL A 261 5.22 11.48 18.31
C VAL A 261 4.26 12.46 18.99
N ALA A 262 3.91 12.21 20.26
CA ALA A 262 3.07 13.13 21.04
C ALA A 262 3.65 13.40 22.41
N ALA A 263 2.98 14.23 23.22
CA ALA A 263 3.57 14.69 24.48
C ALA A 263 3.81 13.55 25.46
N ASP A 264 2.96 12.52 25.41
CA ASP A 264 3.08 11.38 26.32
C ASP A 264 2.42 10.13 25.74
N SER A 265 2.60 9.02 26.44
CA SER A 265 2.09 7.71 26.00
C SER A 265 0.59 7.70 25.84
N GLU A 266 -0.13 8.24 26.82
CA GLU A 266 -1.59 8.29 26.72
C GLU A 266 -2.02 8.97 25.42
N THR A 267 -1.43 10.13 25.14
CA THR A 267 -1.81 10.92 23.98
C THR A 267 -1.42 10.22 22.69
N VAL A 268 -0.20 9.69 22.61
CA VAL A 268 0.23 9.07 21.36
C VAL A 268 -0.57 7.81 21.08
N ASP A 269 -0.86 7.02 22.12
CA ASP A 269 -1.61 5.78 21.92
C ASP A 269 -3.01 6.07 21.41
N ARG A 270 -3.66 7.08 21.98
CA ARG A 270 -5.01 7.42 21.57
C ARG A 270 -5.01 7.90 20.12
N ALA A 271 -4.09 8.81 19.80
CA ALA A 271 -3.99 9.35 18.45
C ALA A 271 -3.64 8.28 17.43
N PHE A 272 -2.80 7.32 17.81
CA PHE A 272 -2.33 6.28 16.88
C PHE A 272 -3.46 5.33 16.49
N GLY A 273 -4.46 5.19 17.35
CA GLY A 273 -5.69 4.47 17.00
C GLY A 273 -6.36 5.06 15.75
N GLN A 274 -6.39 6.39 15.66
CA GLN A 274 -6.92 7.08 14.48
C GLN A 274 -6.00 6.94 13.27
N MET A 275 -4.68 6.87 13.51
CA MET A 275 -3.74 6.59 12.42
C MET A 275 -4.02 5.20 11.87
N LYS A 276 -4.25 4.24 12.77
CA LYS A 276 -4.59 2.89 12.34
C LYS A 276 -5.89 2.87 11.55
N ALA A 277 -6.87 3.68 11.97
CA ALA A 277 -8.13 3.79 11.22
C ALA A 277 -7.88 4.32 9.81
N ALA A 278 -7.00 5.30 9.67
CA ALA A 278 -6.71 5.88 8.35
C ALA A 278 -5.98 4.86 7.46
N ILE A 279 -5.18 4.00 8.08
CA ILE A 279 -4.52 2.93 7.32
C ILE A 279 -5.56 1.88 6.88
N ARG A 280 -6.43 1.52 7.80
CA ARG A 280 -7.44 0.50 7.54
C ARG A 280 -8.32 0.88 6.35
N ALA A 281 -8.71 2.16 6.26
CA ALA A 281 -9.52 2.65 5.13
C ALA A 281 -8.69 2.92 3.85
N ASN A 282 -7.42 2.55 3.87
CA ASN A 282 -6.55 2.70 2.70
C ASN A 282 -6.19 1.32 2.17
N TYR A 283 -5.19 0.66 2.76
CA TYR A 283 -4.70 -0.65 2.26
C TYR A 283 -4.79 -1.77 3.33
N SER A 284 -5.49 -1.47 4.43
CA SER A 284 -5.75 -2.41 5.57
C SER A 284 -4.50 -2.73 6.41
N SER A 285 -3.49 -3.31 5.79
CA SER A 285 -2.25 -3.67 6.51
C SER A 285 -1.11 -3.73 5.52
N PRO A 286 0.14 -3.55 5.98
CA PRO A 286 1.24 -3.37 5.03
C PRO A 286 1.87 -4.68 4.55
N PRO A 287 2.61 -4.63 3.44
CA PRO A 287 3.23 -5.83 2.86
C PRO A 287 4.43 -6.36 3.65
N ALA A 288 4.44 -7.66 3.92
CA ALA A 288 5.40 -8.26 4.85
C ALA A 288 6.83 -8.38 4.32
N HIS A 289 7.02 -8.74 3.05
CA HIS A 289 8.33 -9.24 2.61
C HIS A 289 9.46 -8.23 2.85
N GLY A 290 9.27 -7.00 2.33
CA GLY A 290 10.34 -6.00 2.39
C GLY A 290 10.67 -5.59 3.81
N ALA A 291 9.61 -5.35 4.59
CA ALA A 291 9.73 -4.98 6.01
C ALA A 291 10.37 -6.08 6.85
N SER A 292 10.03 -7.35 6.56
CA SER A 292 10.66 -8.48 7.23
C SER A 292 12.16 -8.51 6.94
N VAL A 293 12.52 -8.24 5.68
CA VAL A 293 13.92 -8.18 5.30
C VAL A 293 14.63 -7.13 6.18
N VAL A 294 14.04 -5.94 6.25
CA VAL A 294 14.62 -4.85 7.06
C VAL A 294 14.77 -5.25 8.54
N ALA A 295 13.69 -5.78 9.15
CA ALA A 295 13.73 -6.18 10.54
C ALA A 295 14.75 -7.31 10.79
N THR A 296 14.80 -8.27 9.87
CA THR A 296 15.75 -9.38 9.95
C THR A 296 17.19 -8.87 9.97
N ILE A 297 17.48 -7.93 9.08
CA ILE A 297 18.83 -7.31 9.00
C ILE A 297 19.14 -6.46 10.24
N LEU A 298 18.24 -5.54 10.57
CA LEU A 298 18.51 -4.57 11.63
C LEU A 298 18.63 -5.22 13.01
N SER A 299 17.96 -6.36 13.20
CA SER A 299 17.95 -7.02 14.52
C SER A 299 19.00 -8.13 14.69
N ASN A 300 19.76 -8.41 13.62
CA ASN A 300 20.88 -9.34 13.69
C ASN A 300 22.21 -8.59 13.54
N ASP A 301 23.04 -8.62 14.58
CA ASP A 301 24.33 -7.89 14.58
C ASP A 301 25.21 -8.10 13.32
N ALA A 302 25.45 -9.36 12.97
CA ALA A 302 26.30 -9.69 11.81
C ALA A 302 25.71 -9.16 10.50
N LEU A 303 24.41 -9.39 10.30
CA LEU A 303 23.76 -8.95 9.07
C LEU A 303 23.76 -7.44 8.98
N ARG A 304 23.49 -6.81 10.13
CA ARG A 304 23.42 -5.35 10.18
C ARG A 304 24.75 -4.75 9.79
N ALA A 305 25.84 -5.39 10.21
CA ALA A 305 27.18 -4.89 9.92
C ALA A 305 27.45 -5.03 8.42
N ILE A 306 27.00 -6.13 7.84
CA ILE A 306 27.12 -6.29 6.40
C ILE A 306 26.37 -5.18 5.66
N TRP A 307 25.11 -4.96 6.05
CA TRP A 307 24.26 -3.95 5.43
C TRP A 307 24.84 -2.54 5.62
N GLU A 308 25.29 -2.23 6.84
CA GLU A 308 25.87 -0.91 7.09
C GLU A 308 27.09 -0.62 6.19
N GLN A 309 27.93 -1.62 5.96
CA GLN A 309 29.03 -1.45 5.00
C GLN A 309 28.51 -1.22 3.56
N GLU A 310 27.48 -1.98 3.18
CA GLU A 310 26.86 -1.82 1.87
C GLU A 310 26.30 -0.41 1.65
N LEU A 311 25.71 0.16 2.68
CA LEU A 311 25.16 1.51 2.62
C LEU A 311 26.30 2.52 2.50
N THR A 312 27.34 2.34 3.33
CA THR A 312 28.55 3.14 3.19
C THR A 312 29.12 3.08 1.77
N ASP A 313 29.15 1.88 1.21
CA ASP A 313 29.64 1.67 -0.16
C ASP A 313 28.81 2.45 -1.19
N MET A 314 27.48 2.43 -1.03
CA MET A 314 26.63 3.21 -1.92
C MET A 314 26.91 4.71 -1.78
N ARG A 315 26.93 5.22 -0.55
CA ARG A 315 27.22 6.63 -0.30
C ARG A 315 28.55 7.05 -0.93
N GLN A 316 29.58 6.22 -0.72
CA GLN A 316 30.91 6.54 -1.21
C GLN A 316 30.98 6.49 -2.73
N ARG A 317 30.34 5.50 -3.36
CA ARG A 317 30.35 5.48 -4.83
C ARG A 317 29.69 6.74 -5.41
N ILE A 318 28.57 7.15 -4.82
CA ILE A 318 27.91 8.39 -5.29
C ILE A 318 28.82 9.60 -5.15
N GLN A 319 29.51 9.70 -4.02
CA GLN A 319 30.48 10.80 -3.83
C GLN A 319 31.62 10.79 -4.86
N ARG A 320 32.11 9.60 -5.18
CA ARG A 320 33.12 9.45 -6.22
C ARG A 320 32.57 9.84 -7.59
N MET A 321 31.32 9.45 -7.87
CA MET A 321 30.64 9.85 -9.12
C MET A 321 30.43 11.36 -9.18
N ARG A 322 30.08 11.97 -8.06
CA ARG A 322 29.94 13.43 -7.99
C ARG A 322 31.22 14.15 -8.41
N GLN A 323 32.37 13.73 -7.86
CA GLN A 323 33.66 14.34 -8.22
C GLN A 323 34.00 14.09 -9.70
N LEU A 324 33.78 12.85 -10.15
CA LEU A 324 34.08 12.43 -11.52
C LEU A 324 33.24 13.23 -12.51
N PHE A 325 31.97 13.47 -12.15
CA PHE A 325 31.03 14.27 -12.94
C PHE A 325 31.56 15.67 -13.17
N VAL A 326 31.91 16.34 -12.07
CA VAL A 326 32.50 17.69 -12.14
C VAL A 326 33.81 17.68 -12.93
N ASN A 327 34.67 16.72 -12.64
CA ASN A 327 35.96 16.64 -13.37
C ASN A 327 35.73 16.37 -14.87
N THR A 328 34.76 15.53 -15.20
CA THR A 328 34.54 15.18 -16.61
C THR A 328 33.87 16.32 -17.39
N LEU A 329 32.95 17.04 -16.75
CA LEU A 329 32.34 18.21 -17.41
C LEU A 329 33.41 19.21 -17.86
N GLN A 330 34.44 19.40 -17.05
CA GLN A 330 35.53 20.30 -17.42
C GLN A 330 36.30 19.80 -18.66
N GLU A 331 36.66 18.53 -18.65
CA GLU A 331 37.38 17.87 -19.76
C GLU A 331 36.57 17.92 -21.07
N LYS A 332 35.25 17.72 -20.95
CA LYS A 332 34.35 17.70 -22.13
C LYS A 332 33.99 19.09 -22.67
N GLY A 333 34.42 20.14 -21.98
CA GLY A 333 34.32 21.48 -22.55
C GLY A 333 33.30 22.40 -21.93
N ALA A 334 32.78 22.05 -20.76
CA ALA A 334 31.89 22.98 -20.06
C ALA A 334 32.77 24.08 -19.51
N ASN A 335 32.37 25.30 -19.81
CA ASN A 335 33.07 26.50 -19.39
C ASN A 335 32.97 26.71 -17.88
N ARG A 336 31.81 26.38 -17.36
CA ARG A 336 31.35 27.02 -16.15
C ARG A 336 31.65 26.26 -14.86
N ASP A 337 31.50 26.99 -13.77
CA ASP A 337 31.82 26.48 -12.46
C ASP A 337 30.71 25.53 -12.06
N PHE A 338 31.07 24.27 -11.86
CA PHE A 338 30.10 23.30 -11.39
C PHE A 338 30.44 22.80 -9.99
N SER A 339 31.26 23.57 -9.28
CA SER A 339 31.78 23.14 -7.97
C SER A 339 30.66 22.98 -6.94
N PHE A 340 29.51 23.63 -7.19
CA PHE A 340 28.37 23.52 -6.28
C PHE A 340 27.87 22.09 -6.24
N ILE A 341 28.10 21.35 -7.32
CA ILE A 341 27.64 19.98 -7.34
C ILE A 341 28.34 19.12 -6.27
N ILE A 342 29.58 19.45 -5.95
CA ILE A 342 30.31 18.70 -4.92
C ILE A 342 29.69 18.92 -3.54
N LYS A 343 29.05 20.07 -3.35
CA LYS A 343 28.47 20.44 -2.06
C LYS A 343 27.10 19.79 -1.80
N GLN A 344 26.50 19.22 -2.84
CA GLN A 344 25.17 18.59 -2.73
C GLN A 344 25.25 17.19 -2.12
N ASN A 345 24.26 16.87 -1.28
CA ASN A 345 24.19 15.60 -0.56
C ASN A 345 23.15 14.70 -1.19
N GLY A 346 23.44 13.41 -1.29
CA GLY A 346 22.44 12.45 -1.75
C GLY A 346 22.65 11.98 -3.17
N MET A 347 21.56 11.56 -3.80
CA MET A 347 21.62 10.91 -5.10
C MET A 347 21.64 11.86 -6.25
N PHE A 348 21.20 13.09 -6.03
CA PHE A 348 20.88 13.94 -7.16
C PHE A 348 21.86 15.08 -7.35
N SER A 349 21.96 15.52 -8.60
CA SER A 349 22.50 16.84 -8.85
C SER A 349 21.41 17.74 -9.48
N PHE A 350 21.10 18.82 -8.80
CA PHE A 350 20.21 19.84 -9.31
C PHE A 350 21.11 20.74 -10.15
N SER A 351 21.09 20.48 -11.46
CA SER A 351 22.20 20.81 -12.35
C SER A 351 22.14 22.23 -12.91
N GLY A 352 20.94 22.83 -12.89
CA GLY A 352 20.71 24.15 -13.48
C GLY A 352 20.29 24.06 -14.96
N LEU A 353 20.23 22.84 -15.46
CA LEU A 353 19.69 22.64 -16.80
C LEU A 353 18.24 23.09 -16.94
N THR A 354 17.97 23.71 -18.08
CA THR A 354 16.69 24.23 -18.51
C THR A 354 15.72 23.10 -18.99
N LYS A 355 14.41 23.38 -18.99
CA LYS A 355 13.45 22.39 -19.53
C LYS A 355 13.80 22.02 -20.97
N GLU A 356 14.15 23.03 -21.77
CA GLU A 356 14.45 22.80 -23.17
C GLU A 356 15.75 22.00 -23.31
N GLN A 357 16.70 22.26 -22.42
CA GLN A 357 17.95 21.51 -22.36
C GLN A 357 17.74 20.03 -22.00
N VAL A 358 16.95 19.75 -20.97
CA VAL A 358 16.74 18.36 -20.67
C VAL A 358 15.95 17.66 -21.77
N LEU A 359 15.02 18.36 -22.43
CA LEU A 359 14.32 17.77 -23.58
C LEU A 359 15.28 17.38 -24.70
N ARG A 360 16.20 18.29 -25.03
CA ARG A 360 17.25 18.00 -26.01
C ARG A 360 18.09 16.76 -25.65
N LEU A 361 18.49 16.68 -24.37
CA LEU A 361 19.29 15.55 -23.87
C LEU A 361 18.60 14.24 -24.18
N ARG A 362 17.28 14.21 -23.98
CA ARG A 362 16.52 12.98 -24.18
C ARG A 362 16.43 12.72 -25.68
N GLU A 363 15.95 13.72 -26.41
CA GLU A 363 15.65 13.51 -27.82
C GLU A 363 16.89 13.30 -28.69
N GLU A 364 17.94 14.09 -28.48
CA GLU A 364 19.12 14.00 -29.33
C GLU A 364 20.18 13.05 -28.82
N PHE A 365 20.18 12.78 -27.53
CA PHE A 365 21.29 12.00 -26.96
C PHE A 365 20.85 10.80 -26.17
N GLY A 366 19.54 10.65 -25.95
CA GLY A 366 19.06 9.47 -25.19
C GLY A 366 19.52 9.49 -23.74
N VAL A 367 19.75 10.69 -23.22
CA VAL A 367 20.07 10.86 -21.80
C VAL A 367 18.84 11.40 -21.08
N TYR A 368 18.37 10.66 -20.07
CA TYR A 368 17.08 10.96 -19.46
C TYR A 368 17.21 11.60 -18.07
N ALA A 369 16.78 12.84 -17.95
CA ALA A 369 16.77 13.56 -16.66
C ALA A 369 15.38 14.12 -16.44
N VAL A 370 15.14 14.58 -15.22
CA VAL A 370 13.86 15.20 -14.86
C VAL A 370 13.82 16.64 -15.44
N ALA A 371 12.63 17.10 -15.86
CA ALA A 371 12.49 18.40 -16.56
C ALA A 371 12.95 19.59 -15.73
N SER A 372 13.00 19.42 -14.40
CA SER A 372 13.48 20.44 -13.47
C SER A 372 14.99 20.61 -13.58
N GLY A 373 15.64 19.70 -14.32
CA GLY A 373 17.09 19.68 -14.35
C GLY A 373 17.73 18.72 -13.36
N ARG A 374 16.91 18.06 -12.55
CA ARG A 374 17.41 17.06 -11.61
C ARG A 374 18.04 15.85 -12.32
N VAL A 375 19.31 15.56 -12.00
CA VAL A 375 19.98 14.37 -12.58
C VAL A 375 20.35 13.38 -11.48
N ASN A 376 20.18 12.10 -11.75
CA ASN A 376 20.57 11.06 -10.78
C ASN A 376 22.07 10.72 -10.88
N VAL A 377 22.87 11.27 -9.97
CA VAL A 377 24.33 11.02 -9.93
C VAL A 377 24.56 9.54 -9.60
N ALA A 378 23.63 8.93 -8.85
CA ALA A 378 23.77 7.54 -8.46
C ALA A 378 23.60 6.61 -9.67
N GLY A 379 23.16 7.18 -10.80
CA GLY A 379 22.97 6.39 -12.02
C GLY A 379 24.16 6.54 -12.97
N MET A 380 25.12 7.36 -12.57
CA MET A 380 26.35 7.56 -13.33
C MET A 380 27.38 6.49 -13.04
N THR A 381 28.14 6.08 -14.06
CA THR A 381 29.18 5.07 -13.88
C THR A 381 30.43 5.51 -14.61
N PRO A 382 31.56 4.88 -14.33
CA PRO A 382 32.77 5.18 -15.10
C PRO A 382 32.53 4.98 -16.58
N ASP A 383 31.71 3.99 -16.96
CA ASP A 383 31.43 3.71 -18.36
C ASP A 383 30.50 4.70 -19.07
N ASN A 384 29.52 5.26 -18.35
CA ASN A 384 28.56 6.17 -19.01
C ASN A 384 28.87 7.64 -18.79
N MET A 385 29.90 7.94 -18.01
CA MET A 385 30.17 9.32 -17.64
C MET A 385 30.58 10.18 -18.85
N ALA A 386 31.44 9.64 -19.70
CA ALA A 386 31.87 10.38 -20.87
C ALA A 386 30.70 10.76 -21.77
N PRO A 387 29.90 9.79 -22.27
CA PRO A 387 28.79 10.15 -23.13
C PRO A 387 27.78 11.09 -22.50
N LEU A 388 27.46 10.95 -21.22
CA LEU A 388 26.47 11.85 -20.61
C LEU A 388 27.05 13.26 -20.48
N CYS A 389 28.35 13.36 -20.22
CA CYS A 389 28.97 14.69 -20.11
C CYS A 389 29.09 15.38 -21.46
N GLU A 390 29.39 14.60 -22.50
CA GLU A 390 29.39 15.11 -23.90
C GLU A 390 28.01 15.65 -24.27
N ALA A 391 26.97 14.92 -23.88
CA ALA A 391 25.58 15.32 -24.14
C ALA A 391 25.24 16.63 -23.44
N ILE A 392 25.56 16.71 -22.14
CA ILE A 392 25.36 17.94 -21.39
C ILE A 392 26.13 19.13 -22.01
N VAL A 393 27.40 18.93 -22.31
CA VAL A 393 28.15 20.04 -22.93
C VAL A 393 27.51 20.46 -24.26
N ALA A 394 27.04 19.47 -25.04
CA ALA A 394 26.45 19.77 -26.33
C ALA A 394 25.18 20.63 -26.24
N VAL A 395 24.46 20.58 -25.11
CA VAL A 395 23.22 21.37 -24.97
C VAL A 395 23.38 22.70 -24.21
N LEU A 396 24.54 22.88 -23.59
CA LEU A 396 24.83 24.08 -22.81
C LEU A 396 24.75 25.35 -23.67
N MET B 1 -1.78 19.53 19.49
CA MET B 1 -3.02 19.26 18.73
C MET B 1 -3.46 17.80 18.80
N PHE B 2 -2.53 16.90 19.10
CA PHE B 2 -2.89 15.48 19.15
C PHE B 2 -3.77 15.13 20.35
N GLU B 3 -3.73 15.97 21.38
CA GLU B 3 -4.66 15.81 22.53
C GLU B 3 -6.14 16.04 22.16
N ASN B 4 -6.38 16.71 21.03
CA ASN B 4 -7.73 16.98 20.52
C ASN B 4 -8.30 15.84 19.68
N ILE B 5 -7.46 14.85 19.39
CA ILE B 5 -7.93 13.71 18.57
C ILE B 5 -8.79 12.80 19.42
N THR B 6 -9.93 12.41 18.85
CA THR B 6 -10.90 11.56 19.54
C THR B 6 -10.53 10.10 19.50
N ALA B 7 -10.85 9.41 20.59
CA ALA B 7 -10.62 7.98 20.70
C ALA B 7 -11.36 7.20 19.62
N THR B 8 -10.64 6.25 19.04
CA THR B 8 -11.19 5.30 18.08
C THR B 8 -11.52 4.00 18.83
N THR B 9 -12.43 3.22 18.27
CA THR B 9 -12.62 1.84 18.69
C THR B 9 -11.84 0.97 17.72
N ALA B 10 -11.23 -0.12 18.21
CA ALA B 10 -10.54 -1.08 17.33
C ALA B 10 -11.45 -1.62 16.22
N ASP B 11 -10.86 -1.95 15.08
CA ASP B 11 -11.61 -2.61 14.01
C ASP B 11 -12.36 -3.84 14.56
N PRO B 12 -13.64 -4.00 14.22
CA PRO B 12 -14.44 -5.17 14.66
C PRO B 12 -13.91 -6.53 14.21
N ILE B 13 -13.11 -6.53 13.14
CA ILE B 13 -12.46 -7.74 12.67
C ILE B 13 -10.99 -7.76 13.09
N LEU B 14 -10.20 -6.81 12.60
CA LEU B 14 -8.75 -6.85 12.84
C LEU B 14 -8.40 -6.66 14.31
N GLY B 15 -9.29 -6.01 15.06
CA GLY B 15 -9.13 -5.86 16.52
C GLY B 15 -9.11 -7.16 17.30
N LEU B 16 -9.68 -8.22 16.73
CA LEU B 16 -9.74 -9.52 17.40
C LEU B 16 -8.36 -10.12 17.64
N ALA B 17 -7.41 -9.81 16.78
CA ALA B 17 -6.07 -10.40 16.88
C ALA B 17 -5.39 -10.11 18.21
N ASP B 18 -5.42 -8.85 18.63
CA ASP B 18 -4.78 -8.47 19.91
C ASP B 18 -5.52 -9.08 21.11
N LEU B 19 -6.84 -9.03 21.06
CA LEU B 19 -7.67 -9.58 22.13
C LEU B 19 -7.45 -11.08 22.28
N PHE B 20 -7.52 -11.79 21.16
CA PHE B 20 -7.27 -13.24 21.16
C PHE B 20 -5.88 -13.56 21.72
N ARG B 21 -4.85 -12.85 21.22
CA ARG B 21 -3.48 -13.04 21.70
C ARG B 21 -3.34 -12.87 23.21
N ALA B 22 -3.98 -11.83 23.75
CA ALA B 22 -3.87 -11.45 25.16
C ALA B 22 -4.56 -12.43 26.13
N ASP B 23 -5.54 -13.16 25.61
CA ASP B 23 -6.35 -14.09 26.40
C ASP B 23 -5.49 -15.21 26.99
N GLU B 24 -5.60 -15.41 28.29
CA GLU B 24 -4.79 -16.40 28.99
C GLU B 24 -5.52 -17.72 29.22
N ARG B 25 -6.76 -17.81 28.78
CA ARG B 25 -7.57 -19.02 29.01
C ARG B 25 -7.01 -20.17 28.17
N PRO B 26 -6.63 -21.27 28.83
CA PRO B 26 -6.16 -22.46 28.11
C PRO B 26 -7.27 -22.96 27.20
N GLY B 27 -6.93 -23.36 25.97
CA GLY B 27 -7.92 -23.85 25.02
C GLY B 27 -8.72 -22.81 24.23
N LYS B 28 -8.29 -21.55 24.27
CA LYS B 28 -8.94 -20.49 23.48
C LYS B 28 -8.92 -20.82 22.00
N ILE B 29 -9.95 -20.39 21.30
CA ILE B 29 -10.11 -20.73 19.89
C ILE B 29 -10.39 -19.45 19.09
N ASP B 30 -9.60 -19.22 18.03
CA ASP B 30 -9.76 -18.04 17.16
C ASP B 30 -10.61 -18.33 15.93
N LEU B 31 -11.82 -17.79 15.91
CA LEU B 31 -12.70 -17.91 14.73
C LEU B 31 -13.03 -16.53 14.11
N GLY B 32 -12.06 -15.62 14.17
CA GLY B 32 -12.35 -14.21 13.86
C GLY B 32 -11.95 -13.80 12.47
N ILE B 33 -10.71 -13.34 12.32
CA ILE B 33 -10.22 -12.92 11.00
C ILE B 33 -10.23 -14.11 10.05
N GLY B 34 -10.70 -13.87 8.83
CA GLY B 34 -10.84 -14.89 7.78
C GLY B 34 -9.52 -15.27 7.16
N VAL B 35 -8.80 -16.17 7.82
CA VAL B 35 -7.66 -16.82 7.18
C VAL B 35 -7.88 -18.33 7.18
N TYR B 36 -7.41 -18.99 6.13
CA TYR B 36 -7.52 -20.43 6.05
C TYR B 36 -6.59 -21.08 7.07
N LYS B 37 -7.10 -22.09 7.77
CA LYS B 37 -6.26 -22.93 8.58
C LYS B 37 -6.34 -24.36 8.06
N ASP B 38 -5.25 -25.12 8.20
CA ASP B 38 -5.28 -26.53 7.86
C ASP B 38 -5.79 -27.33 9.04
N GLU B 39 -5.73 -28.66 8.91
CA GLU B 39 -6.25 -29.58 9.96
C GLU B 39 -5.63 -29.38 11.34
N THR B 40 -4.42 -28.83 11.40
CA THR B 40 -3.75 -28.61 12.69
C THR B 40 -3.84 -27.17 13.20
N GLY B 41 -4.63 -26.35 12.54
CA GLY B 41 -4.84 -24.98 13.00
C GLY B 41 -3.70 -24.04 12.61
N LYS B 42 -2.87 -24.44 11.67
CA LYS B 42 -1.84 -23.52 11.17
C LYS B 42 -2.36 -22.84 9.91
N THR B 43 -1.77 -21.70 9.57
CA THR B 43 -2.04 -21.00 8.32
C THR B 43 -0.79 -21.09 7.44
N PRO B 44 -0.64 -22.18 6.70
CA PRO B 44 0.62 -22.47 6.02
C PRO B 44 0.82 -21.62 4.75
N VAL B 45 2.06 -21.50 4.31
CA VAL B 45 2.38 -21.00 2.98
C VAL B 45 2.11 -22.14 2.01
N LEU B 46 1.47 -21.84 0.88
CA LEU B 46 1.18 -22.88 -0.12
C LEU B 46 2.49 -23.40 -0.69
N THR B 47 2.50 -24.66 -1.10
CA THR B 47 3.76 -25.19 -1.66
C THR B 47 4.07 -24.51 -3.01
N SER B 48 3.05 -24.22 -3.80
CA SER B 48 3.21 -23.46 -5.05
C SER B 48 3.88 -22.10 -4.82
N VAL B 49 3.50 -21.42 -3.73
CA VAL B 49 4.07 -20.14 -3.36
C VAL B 49 5.54 -20.28 -2.90
N LYS B 50 5.82 -21.28 -2.06
CA LYS B 50 7.23 -21.55 -1.71
C LYS B 50 8.11 -21.81 -2.94
N LYS B 51 7.62 -22.64 -3.86
CA LYS B 51 8.36 -22.89 -5.12
C LYS B 51 8.55 -21.62 -5.95
N ALA B 52 7.49 -20.81 -6.02
CA ALA B 52 7.60 -19.53 -6.70
C ALA B 52 8.64 -18.61 -6.03
N GLU B 53 8.64 -18.56 -4.69
CA GLU B 53 9.55 -17.70 -3.94
C GLU B 53 11.00 -18.18 -4.05
N GLN B 54 11.17 -19.50 -4.11
CA GLN B 54 12.50 -20.06 -4.44
C GLN B 54 12.97 -19.57 -5.80
N TYR B 55 12.11 -19.68 -6.81
CA TYR B 55 12.43 -19.19 -8.16
C TYR B 55 12.82 -17.71 -8.16
N LEU B 56 12.08 -16.88 -7.43
CA LEU B 56 12.39 -15.46 -7.35
C LEU B 56 13.74 -15.20 -6.70
N LEU B 57 14.01 -15.88 -5.59
CA LEU B 57 15.25 -15.70 -4.87
C LEU B 57 16.42 -15.95 -5.82
N GLU B 58 16.26 -16.97 -6.67
CA GLU B 58 17.34 -17.41 -7.55
C GLU B 58 17.53 -16.49 -8.73
N ASN B 59 16.42 -15.93 -9.22
CA ASN B 59 16.42 -15.26 -10.50
C ASN B 59 16.30 -13.74 -10.47
N GLU B 60 15.78 -13.18 -9.38
CA GLU B 60 15.67 -11.71 -9.24
C GLU B 60 17.06 -11.08 -9.23
N THR B 61 17.27 -10.06 -10.05
CA THR B 61 18.55 -9.31 -10.02
C THR B 61 18.43 -7.86 -9.57
N THR B 62 17.21 -7.45 -9.21
CA THR B 62 16.98 -6.04 -8.86
C THR B 62 15.68 -5.88 -8.07
N LYS B 63 15.63 -4.83 -7.26
CA LYS B 63 14.38 -4.40 -6.60
C LYS B 63 13.94 -3.05 -7.21
N ASN B 64 14.48 -2.69 -8.37
CA ASN B 64 14.09 -1.43 -9.05
C ASN B 64 12.57 -1.28 -9.08
N TYR B 65 12.09 -0.07 -8.84
CA TYR B 65 10.64 0.22 -8.85
C TYR B 65 9.84 -0.43 -9.97
N LEU B 66 8.67 -0.99 -9.61
CA LEU B 66 7.67 -1.29 -10.63
C LEU B 66 7.07 0.00 -11.14
N GLY B 67 6.39 -0.06 -12.28
CA GLY B 67 5.54 1.06 -12.72
C GLY B 67 4.38 1.24 -11.73
N ILE B 68 3.67 2.37 -11.84
CA ILE B 68 2.56 2.67 -10.94
C ILE B 68 1.52 1.55 -10.92
N ASP B 69 1.31 0.95 -12.09
CA ASP B 69 0.33 -0.15 -12.23
C ASP B 69 0.90 -1.57 -12.02
N GLY B 70 2.17 -1.67 -11.63
CA GLY B 70 2.75 -2.96 -11.21
C GLY B 70 3.20 -3.83 -12.39
N ILE B 71 3.20 -5.14 -12.17
CA ILE B 71 3.85 -6.09 -13.08
C ILE B 71 2.89 -6.38 -14.23
N PRO B 72 3.32 -6.13 -15.46
CA PRO B 72 2.46 -6.37 -16.63
C PRO B 72 1.84 -7.77 -16.70
N GLU B 73 2.65 -8.82 -16.50
CA GLU B 73 2.14 -10.19 -16.58
C GLU B 73 1.06 -10.48 -15.52
N PHE B 74 1.22 -9.88 -14.34
CA PHE B 74 0.21 -9.92 -13.29
C PHE B 74 -1.13 -9.36 -13.75
N GLY B 75 -1.11 -8.20 -14.42
CA GLY B 75 -2.32 -7.60 -14.96
C GLY B 75 -2.95 -8.51 -16.00
N ARG B 76 -2.14 -9.09 -16.89
CA ARG B 76 -2.65 -9.96 -17.95
C ARG B 76 -3.34 -11.19 -17.37
N CYS B 77 -2.65 -11.87 -16.45
CA CYS B 77 -3.20 -13.06 -15.80
C CYS B 77 -4.48 -12.74 -15.05
N THR B 78 -4.53 -11.56 -14.45
CA THR B 78 -5.69 -11.14 -13.66
C THR B 78 -6.94 -11.03 -14.53
N GLN B 79 -6.80 -10.32 -15.65
CA GLN B 79 -7.89 -10.14 -16.60
C GLN B 79 -8.37 -11.48 -17.15
N GLU B 80 -7.45 -12.42 -17.36
CA GLU B 80 -7.85 -13.76 -17.80
C GLU B 80 -8.66 -14.50 -16.75
N LEU B 81 -8.28 -14.32 -15.49
CA LEU B 81 -8.98 -14.97 -14.40
C LEU B 81 -10.37 -14.38 -14.24
N LEU B 82 -10.45 -13.06 -14.38
CA LEU B 82 -11.69 -12.31 -14.17
C LEU B 82 -12.70 -12.59 -15.29
N PHE B 83 -12.25 -12.42 -16.53
CA PHE B 83 -13.16 -12.38 -17.67
C PHE B 83 -13.12 -13.63 -18.54
N GLY B 84 -12.07 -14.44 -18.39
CA GLY B 84 -11.84 -15.64 -19.20
C GLY B 84 -10.99 -15.38 -20.42
N LYS B 85 -10.12 -16.34 -20.77
CA LYS B 85 -9.26 -16.21 -21.95
C LYS B 85 -10.14 -16.03 -23.18
N GLY B 86 -9.74 -15.15 -24.09
CA GLY B 86 -10.54 -14.87 -25.28
C GLY B 86 -11.83 -14.08 -25.03
N SER B 87 -12.01 -13.60 -23.80
CA SER B 87 -13.07 -12.64 -23.48
C SER B 87 -13.04 -11.49 -24.47
N ALA B 88 -14.22 -11.04 -24.87
CA ALA B 88 -14.33 -9.86 -25.71
C ALA B 88 -13.67 -8.64 -25.06
N LEU B 89 -13.79 -8.51 -23.74
CA LEU B 89 -13.23 -7.35 -23.04
C LEU B 89 -11.71 -7.32 -23.23
N ILE B 90 -11.08 -8.49 -23.16
CA ILE B 90 -9.62 -8.55 -23.32
C ILE B 90 -9.24 -8.29 -24.78
N ASN B 91 -9.95 -8.95 -25.70
CA ASN B 91 -9.68 -8.77 -27.11
C ASN B 91 -9.93 -7.36 -27.63
N ASP B 92 -10.94 -6.67 -27.08
CA ASP B 92 -11.21 -5.27 -27.46
C ASP B 92 -10.35 -4.24 -26.68
N LYS B 93 -9.47 -4.72 -25.81
CA LYS B 93 -8.60 -3.85 -24.98
C LYS B 93 -9.42 -2.80 -24.24
N ARG B 94 -10.51 -3.27 -23.63
CA ARG B 94 -11.43 -2.40 -22.90
C ARG B 94 -11.14 -2.36 -21.40
N ALA B 95 -10.21 -3.19 -20.95
CA ALA B 95 -9.90 -3.29 -19.52
C ALA B 95 -8.47 -2.91 -19.23
N ARG B 96 -8.24 -2.22 -18.11
CA ARG B 96 -6.89 -1.92 -17.69
C ARG B 96 -6.76 -2.26 -16.23
N THR B 97 -5.63 -2.85 -15.86
CA THR B 97 -5.44 -3.38 -14.52
C THR B 97 -4.25 -2.75 -13.83
N ALA B 98 -4.49 -2.30 -12.61
CA ALA B 98 -3.42 -1.91 -11.69
C ALA B 98 -3.28 -2.92 -10.60
N GLN B 99 -2.07 -3.44 -10.44
CA GLN B 99 -1.71 -4.26 -9.27
C GLN B 99 -1.75 -3.33 -8.05
N THR B 100 -2.38 -3.79 -6.97
CA THR B 100 -2.53 -2.95 -5.75
C THR B 100 -2.14 -3.70 -4.49
N PRO B 101 -1.97 -2.98 -3.37
CA PRO B 101 -1.75 -3.63 -2.08
C PRO B 101 -3.06 -4.20 -1.55
N GLY B 102 -3.36 -5.43 -1.99
CA GLY B 102 -4.59 -6.14 -1.59
C GLY B 102 -5.85 -5.69 -2.33
N GLY B 103 -6.93 -6.44 -2.13
CA GLY B 103 -8.25 -5.99 -2.55
C GLY B 103 -8.61 -4.68 -1.86
N SER B 104 -8.15 -4.52 -0.61
CA SER B 104 -8.37 -3.29 0.14
C SER B 104 -7.81 -2.10 -0.64
N GLY B 105 -6.54 -2.20 -1.04
CA GLY B 105 -5.93 -1.13 -1.83
C GLY B 105 -6.63 -0.89 -3.15
N ALA B 106 -7.15 -1.96 -3.76
CA ALA B 106 -7.90 -1.85 -5.01
C ALA B 106 -9.20 -1.07 -4.82
N LEU B 107 -9.92 -1.36 -3.74
CA LEU B 107 -11.11 -0.59 -3.39
C LEU B 107 -10.75 0.89 -3.15
N ARG B 108 -9.67 1.12 -2.44
CA ARG B 108 -9.23 2.50 -2.14
C ARG B 108 -8.87 3.27 -3.40
N VAL B 109 -8.08 2.65 -4.28
CA VAL B 109 -7.81 3.32 -5.54
C VAL B 109 -9.03 3.58 -6.42
N ALA B 110 -9.97 2.65 -6.43
CA ALA B 110 -11.25 2.88 -7.13
C ALA B 110 -11.94 4.11 -6.54
N ALA B 111 -12.03 4.15 -5.22
CA ALA B 111 -12.69 5.26 -4.53
C ALA B 111 -12.04 6.61 -4.86
N ASP B 112 -10.71 6.67 -4.74
CA ASP B 112 -9.97 7.92 -5.01
C ASP B 112 -10.11 8.33 -6.47
N PHE B 113 -10.02 7.35 -7.37
CA PHE B 113 -10.20 7.58 -8.79
C PHE B 113 -11.58 8.16 -9.06
N LEU B 114 -12.60 7.55 -8.47
CA LEU B 114 -13.97 7.95 -8.75
C LEU B 114 -14.25 9.34 -8.20
N ALA B 115 -13.80 9.59 -6.96
CA ALA B 115 -14.08 10.87 -6.28
C ALA B 115 -13.44 12.04 -7.03
N LYS B 116 -12.25 11.79 -7.59
CA LYS B 116 -11.51 12.89 -8.21
C LYS B 116 -11.90 13.12 -9.66
N ASN B 117 -12.32 12.08 -10.34
CA ASN B 117 -12.43 12.12 -11.79
C ASN B 117 -13.81 12.00 -12.37
N THR B 118 -14.80 11.72 -11.51
CA THR B 118 -16.15 11.49 -11.97
C THR B 118 -17.16 12.22 -11.13
N SER B 119 -18.41 12.18 -11.58
CA SER B 119 -19.48 12.76 -10.81
C SER B 119 -20.16 11.74 -9.87
N VAL B 120 -19.56 10.56 -9.69
CA VAL B 120 -20.02 9.62 -8.66
C VAL B 120 -19.99 10.29 -7.27
N LYS B 121 -21.10 10.20 -6.57
CA LYS B 121 -21.24 10.78 -5.25
C LYS B 121 -21.69 9.72 -4.26
N ARG B 122 -22.16 8.56 -4.75
CA ARG B 122 -22.88 7.63 -3.89
C ARG B 122 -22.56 6.21 -4.29
N VAL B 123 -22.28 5.37 -3.28
CA VAL B 123 -21.98 3.95 -3.45
C VAL B 123 -22.96 3.17 -2.55
N TRP B 124 -23.62 2.18 -3.13
CA TRP B 124 -24.58 1.31 -2.42
C TRP B 124 -23.91 0.00 -2.10
N VAL B 125 -23.89 -0.35 -0.81
CA VAL B 125 -23.35 -1.64 -0.39
C VAL B 125 -24.42 -2.47 0.32
N SER B 126 -24.23 -3.79 0.37
CA SER B 126 -25.21 -4.66 0.98
C SER B 126 -25.29 -4.49 2.49
N ASN B 127 -26.49 -4.73 3.02
CA ASN B 127 -26.70 -4.84 4.46
C ASN B 127 -27.00 -6.31 4.69
N PRO B 128 -26.10 -7.08 5.31
CA PRO B 128 -24.80 -6.61 5.82
C PRO B 128 -23.71 -6.69 4.77
N SER B 129 -22.54 -6.11 5.07
CA SER B 129 -21.36 -6.29 4.22
C SER B 129 -20.12 -6.31 5.10
N TRP B 130 -18.96 -6.52 4.47
CA TRP B 130 -17.67 -6.30 5.13
C TRP B 130 -17.64 -4.86 5.64
N PRO B 131 -17.34 -4.66 6.92
CA PRO B 131 -17.43 -3.33 7.53
C PRO B 131 -16.45 -2.32 6.94
N ASN B 132 -15.38 -2.80 6.31
CA ASN B 132 -14.43 -1.87 5.70
C ASN B 132 -14.86 -1.23 4.38
N HIS B 133 -15.87 -1.80 3.71
CA HIS B 133 -16.41 -1.15 2.52
C HIS B 133 -16.82 0.29 2.79
N LYS B 134 -17.66 0.52 3.79
CA LYS B 134 -18.07 1.91 4.06
C LYS B 134 -16.87 2.81 4.37
N SER B 135 -15.94 2.34 5.19
CA SER B 135 -14.75 3.11 5.55
C SER B 135 -13.90 3.52 4.34
N VAL B 136 -13.63 2.57 3.46
CA VAL B 136 -12.83 2.87 2.26
C VAL B 136 -13.51 3.94 1.39
N PHE B 137 -14.80 3.77 1.09
CA PHE B 137 -15.43 4.78 0.24
C PHE B 137 -15.59 6.12 0.93
N ASN B 138 -15.94 6.11 2.22
CA ASN B 138 -16.01 7.36 2.98
C ASN B 138 -14.68 8.13 2.99
N SER B 139 -13.56 7.39 2.99
CA SER B 139 -12.23 8.01 3.02
C SER B 139 -12.07 9.00 1.87
N ALA B 140 -12.70 8.71 0.73
CA ALA B 140 -12.67 9.58 -0.46
C ALA B 140 -13.83 10.58 -0.51
N GLY B 141 -14.58 10.69 0.59
CA GLY B 141 -15.73 11.61 0.62
C GLY B 141 -16.97 11.15 -0.13
N LEU B 142 -17.09 9.85 -0.39
CA LEU B 142 -18.28 9.33 -1.07
C LEU B 142 -19.33 8.84 -0.09
N GLU B 143 -20.58 9.25 -0.31
CA GLU B 143 -21.71 8.75 0.49
C GLU B 143 -21.91 7.26 0.24
N VAL B 144 -22.02 6.50 1.31
CA VAL B 144 -22.31 5.07 1.21
C VAL B 144 -23.70 4.79 1.77
N ARG B 145 -24.57 4.24 0.93
CA ARG B 145 -25.88 3.77 1.39
C ARG B 145 -25.94 2.27 1.35
N GLU B 146 -26.93 1.73 2.04
CA GLU B 146 -27.12 0.30 2.14
C GLU B 146 -28.31 -0.16 1.32
N TYR B 147 -28.16 -1.32 0.69
CA TYR B 147 -29.31 -1.98 0.10
C TYR B 147 -29.57 -3.29 0.84
N ALA B 148 -30.85 -3.68 0.89
CA ALA B 148 -31.30 -4.95 1.49
C ALA B 148 -30.74 -6.15 0.74
N TYR B 149 -30.42 -7.20 1.48
CA TYR B 149 -29.76 -8.35 0.84
C TYR B 149 -30.18 -9.66 1.50
N TYR B 150 -30.02 -9.73 2.82
CA TYR B 150 -30.11 -11.01 3.51
C TYR B 150 -31.47 -11.19 4.16
N ASP B 151 -32.10 -12.34 3.91
CA ASP B 151 -33.31 -12.75 4.63
C ASP B 151 -32.84 -13.69 5.73
N ALA B 152 -32.66 -13.13 6.93
CA ALA B 152 -32.01 -13.84 8.05
C ALA B 152 -32.95 -14.86 8.71
N GLU B 153 -34.24 -14.61 8.61
CA GLU B 153 -35.26 -15.58 8.99
C GLU B 153 -35.09 -16.88 8.20
N ASN B 154 -35.01 -16.75 6.87
CA ASN B 154 -34.94 -17.88 5.95
C ASN B 154 -33.52 -18.31 5.57
N HIS B 155 -32.52 -17.52 6.00
CA HIS B 155 -31.12 -17.73 5.59
C HIS B 155 -30.93 -17.79 4.08
N THR B 156 -31.54 -16.82 3.40
CA THR B 156 -31.45 -16.75 1.94
C THR B 156 -31.27 -15.30 1.52
N LEU B 157 -31.09 -15.12 0.22
CA LEU B 157 -31.09 -13.80 -0.39
C LEU B 157 -32.54 -13.37 -0.38
N ASP B 158 -32.83 -12.21 0.21
CA ASP B 158 -34.15 -11.60 0.08
C ASP B 158 -34.15 -10.80 -1.19
N PHE B 159 -34.38 -11.48 -2.30
CA PHE B 159 -34.21 -10.85 -3.60
C PHE B 159 -35.25 -9.77 -3.87
N ASP B 160 -36.45 -9.94 -3.33
CA ASP B 160 -37.46 -8.92 -3.57
C ASP B 160 -37.10 -7.63 -2.84
N ALA B 161 -36.58 -7.76 -1.62
CA ALA B 161 -36.21 -6.60 -0.83
C ALA B 161 -34.96 -5.97 -1.46
N LEU B 162 -34.12 -6.79 -2.06
CA LEU B 162 -32.94 -6.32 -2.77
C LEU B 162 -33.33 -5.39 -3.90
N ILE B 163 -34.14 -5.90 -4.83
CA ILE B 163 -34.72 -5.12 -5.93
C ILE B 163 -35.43 -3.87 -5.42
N ASN B 164 -36.31 -4.02 -4.42
CA ASN B 164 -37.02 -2.85 -3.88
C ASN B 164 -36.01 -1.79 -3.40
N SER B 165 -35.04 -2.23 -2.59
CA SER B 165 -34.17 -1.28 -1.89
C SER B 165 -33.26 -0.54 -2.85
N LEU B 166 -32.99 -1.15 -4.01
CA LEU B 166 -32.17 -0.46 -5.01
C LEU B 166 -33.00 0.34 -5.99
N ASN B 167 -34.30 0.41 -5.75
CA ASN B 167 -35.16 1.30 -6.53
C ASN B 167 -34.62 2.73 -6.56
N GLU B 168 -34.09 3.20 -5.42
CA GLU B 168 -33.63 4.56 -5.25
C GLU B 168 -32.23 4.84 -5.77
N ALA B 169 -31.48 3.81 -6.15
CA ALA B 169 -30.13 3.99 -6.70
C ALA B 169 -30.24 4.66 -8.07
N GLN B 170 -29.54 5.78 -8.25
CA GLN B 170 -29.72 6.65 -9.41
C GLN B 170 -28.69 6.35 -10.49
N ALA B 171 -28.98 6.79 -11.72
CA ALA B 171 -28.01 6.76 -12.80
C ALA B 171 -26.71 7.41 -12.31
N GLY B 172 -25.62 6.68 -12.45
CA GLY B 172 -24.30 7.20 -12.06
C GLY B 172 -23.90 6.91 -10.63
N ASP B 173 -24.80 6.26 -9.88
CA ASP B 173 -24.41 5.73 -8.56
C ASP B 173 -23.66 4.42 -8.79
N VAL B 174 -22.74 4.12 -7.88
CA VAL B 174 -22.04 2.86 -7.91
C VAL B 174 -22.88 1.88 -7.09
N VAL B 175 -22.97 0.66 -7.55
CA VAL B 175 -23.54 -0.40 -6.73
C VAL B 175 -22.47 -1.50 -6.59
N LEU B 176 -22.18 -1.88 -5.35
CA LEU B 176 -21.08 -2.81 -5.07
C LEU B 176 -21.63 -4.22 -4.90
N PHE B 177 -21.10 -5.15 -5.69
CA PHE B 177 -21.48 -6.56 -5.58
C PHE B 177 -20.27 -7.38 -5.15
N HIS B 178 -20.50 -8.40 -4.32
CA HIS B 178 -19.46 -9.40 -4.03
C HIS B 178 -19.51 -10.47 -5.13
N GLY B 179 -18.36 -10.76 -5.74
CA GLY B 179 -18.33 -11.66 -6.90
C GLY B 179 -18.84 -13.04 -6.56
N CYS B 180 -18.44 -13.51 -5.38
CA CYS B 180 -18.85 -14.81 -4.88
C CYS B 180 -18.49 -14.82 -3.39
N CYS B 181 -18.98 -15.81 -2.65
CA CYS B 181 -18.75 -15.89 -1.21
C CYS B 181 -19.04 -14.57 -0.52
N HIS B 182 -20.26 -14.07 -0.69
CA HIS B 182 -20.67 -12.90 0.05
C HIS B 182 -20.18 -12.87 1.50
N ASN B 183 -19.49 -11.79 1.85
CA ASN B 183 -19.02 -11.60 3.21
C ASN B 183 -19.94 -10.56 3.90
N PRO B 184 -20.65 -10.93 4.97
CA PRO B 184 -20.48 -12.18 5.73
C PRO B 184 -21.50 -13.29 5.56
N THR B 185 -22.52 -13.12 4.71
CA THR B 185 -23.67 -14.07 4.70
C THR B 185 -23.40 -15.43 4.05
N GLY B 186 -22.42 -15.47 3.14
CA GLY B 186 -22.14 -16.67 2.37
C GLY B 186 -23.20 -17.00 1.35
N ILE B 187 -24.17 -16.09 1.16
CA ILE B 187 -25.21 -16.30 0.14
C ILE B 187 -24.98 -15.43 -1.07
N ASP B 188 -24.89 -16.07 -2.22
CA ASP B 188 -24.68 -15.42 -3.51
C ASP B 188 -25.93 -15.47 -4.36
N PRO B 189 -26.09 -14.52 -5.28
CA PRO B 189 -27.13 -14.62 -6.30
C PRO B 189 -26.90 -15.89 -7.09
N THR B 190 -28.00 -16.51 -7.52
CA THR B 190 -27.93 -17.53 -8.55
C THR B 190 -27.53 -16.84 -9.81
N LEU B 191 -27.18 -17.63 -10.83
CA LEU B 191 -26.87 -17.06 -12.13
C LEU B 191 -28.05 -16.29 -12.76
N GLU B 192 -29.28 -16.79 -12.58
CA GLU B 192 -30.46 -16.04 -13.05
C GLU B 192 -30.61 -14.73 -12.32
N GLN B 193 -30.39 -14.75 -11.00
CA GLN B 193 -30.43 -13.52 -10.21
C GLN B 193 -29.34 -12.54 -10.66
N TRP B 194 -28.14 -13.06 -10.94
CA TRP B 194 -27.08 -12.21 -11.53
C TRP B 194 -27.52 -11.58 -12.84
N GLN B 195 -28.15 -12.38 -13.72
CA GLN B 195 -28.60 -11.87 -15.02
C GLN B 195 -29.70 -10.80 -14.85
N THR B 196 -30.59 -11.04 -13.89
CA THR B 196 -31.65 -10.08 -13.53
C THR B 196 -31.04 -8.77 -13.04
N LEU B 197 -30.03 -8.86 -12.18
CA LEU B 197 -29.34 -7.69 -11.64
C LEU B 197 -28.54 -6.98 -12.74
N ALA B 198 -27.94 -7.74 -13.63
CA ALA B 198 -27.15 -7.17 -14.73
C ALA B 198 -28.05 -6.33 -15.63
N GLN B 199 -29.24 -6.84 -15.91
CA GLN B 199 -30.19 -6.15 -16.78
C GLN B 199 -30.70 -4.87 -16.12
N LEU B 200 -31.07 -4.96 -14.84
CA LEU B 200 -31.55 -3.81 -14.08
C LEU B 200 -30.49 -2.72 -13.98
N SER B 201 -29.27 -3.14 -13.66
CA SER B 201 -28.14 -2.22 -13.62
C SER B 201 -28.01 -1.41 -14.91
N VAL B 202 -28.08 -2.09 -16.06
CA VAL B 202 -27.99 -1.41 -17.37
C VAL B 202 -29.14 -0.42 -17.57
N GLU B 203 -30.37 -0.88 -17.28
CA GLU B 203 -31.56 -0.03 -17.40
C GLU B 203 -31.48 1.23 -16.51
N LYS B 204 -30.93 1.08 -15.32
CA LYS B 204 -30.95 2.15 -14.32
C LYS B 204 -29.70 3.04 -14.38
N GLY B 205 -28.70 2.62 -15.15
CA GLY B 205 -27.48 3.42 -15.39
C GLY B 205 -26.48 3.40 -14.24
N TRP B 206 -26.50 2.31 -13.46
CA TRP B 206 -25.54 2.16 -12.36
C TRP B 206 -24.15 1.86 -12.91
N LEU B 207 -23.14 2.16 -12.08
CA LEU B 207 -21.78 1.75 -12.37
C LEU B 207 -21.49 0.58 -11.42
N PRO B 208 -21.41 -0.65 -11.93
CA PRO B 208 -21.13 -1.77 -11.04
C PRO B 208 -19.68 -1.74 -10.57
N LEU B 209 -19.51 -2.04 -9.28
CA LEU B 209 -18.18 -2.28 -8.71
C LEU B 209 -18.24 -3.66 -8.09
N PHE B 210 -17.45 -4.59 -8.62
CA PHE B 210 -17.33 -5.92 -8.06
C PHE B 210 -16.16 -6.06 -7.11
N ASP B 211 -16.44 -6.52 -5.90
CA ASP B 211 -15.38 -6.88 -4.96
C ASP B 211 -15.26 -8.42 -5.07
N PHE B 212 -14.08 -8.88 -5.52
CA PHE B 212 -13.90 -10.30 -5.82
C PHE B 212 -12.70 -10.75 -4.99
N ALA B 213 -12.94 -11.00 -3.70
CA ALA B 213 -11.88 -11.37 -2.78
C ALA B 213 -11.71 -12.89 -2.63
N TYR B 214 -12.66 -13.68 -3.12
CA TYR B 214 -12.72 -15.12 -2.84
C TYR B 214 -12.88 -16.01 -4.07
N GLN B 215 -12.32 -15.60 -5.21
CA GLN B 215 -12.47 -16.39 -6.43
C GLN B 215 -11.89 -17.79 -6.24
N GLY B 216 -12.72 -18.79 -6.47
CA GLY B 216 -12.32 -20.18 -6.23
C GLY B 216 -12.91 -20.83 -5.00
N PHE B 217 -13.40 -20.04 -4.04
CA PHE B 217 -13.89 -20.61 -2.78
C PHE B 217 -15.36 -20.99 -2.73
N ALA B 218 -16.14 -20.62 -3.74
CA ALA B 218 -17.55 -20.99 -3.74
C ALA B 218 -17.67 -22.34 -4.42
N ARG B 219 -17.47 -22.37 -5.72
CA ARG B 219 -17.56 -23.60 -6.49
C ARG B 219 -16.28 -23.91 -7.25
N GLY B 220 -15.66 -22.88 -7.86
CA GLY B 220 -14.42 -23.06 -8.61
C GLY B 220 -14.03 -21.75 -9.27
N LEU B 221 -12.82 -21.70 -9.84
CA LEU B 221 -12.35 -20.42 -10.43
C LEU B 221 -13.31 -19.82 -11.47
N GLU B 222 -13.64 -20.59 -12.51
CA GLU B 222 -14.48 -20.09 -13.60
C GLU B 222 -15.95 -19.91 -13.19
N GLU B 223 -16.51 -20.84 -12.42
CA GLU B 223 -17.90 -20.73 -12.01
C GLU B 223 -18.13 -19.51 -11.09
N ASP B 224 -17.17 -19.23 -10.22
CA ASP B 224 -17.27 -18.11 -9.28
C ASP B 224 -17.31 -16.75 -9.99
N ALA B 225 -16.80 -16.71 -11.20
CA ALA B 225 -16.77 -15.50 -11.99
C ALA B 225 -17.98 -15.33 -12.94
N GLU B 226 -18.94 -16.26 -12.87
CA GLU B 226 -20.12 -16.19 -13.76
C GLU B 226 -20.91 -14.88 -13.64
N GLY B 227 -21.15 -14.46 -12.39
CA GLY B 227 -21.89 -13.24 -12.10
C GLY B 227 -21.20 -12.03 -12.69
N LEU B 228 -19.90 -11.90 -12.43
CA LEU B 228 -19.08 -10.83 -12.98
C LEU B 228 -19.15 -10.82 -14.49
N ARG B 229 -18.99 -12.00 -15.08
CA ARG B 229 -18.97 -12.10 -16.53
C ARG B 229 -20.35 -11.78 -17.13
N ALA B 230 -21.41 -12.13 -16.41
CA ALA B 230 -22.76 -11.70 -16.82
C ALA B 230 -22.92 -10.19 -16.85
N PHE B 231 -22.37 -9.51 -15.84
CA PHE B 231 -22.35 -8.06 -15.84
C PHE B 231 -21.46 -7.52 -16.96
N ALA B 232 -20.31 -8.16 -17.19
CA ALA B 232 -19.34 -7.66 -18.15
C ALA B 232 -19.85 -7.75 -19.58
N ALA B 233 -20.72 -8.71 -19.84
CA ALA B 233 -21.29 -8.93 -21.16
C ALA B 233 -22.27 -7.81 -21.53
N MET B 234 -22.71 -7.07 -20.52
CA MET B 234 -23.86 -6.18 -20.59
C MET B 234 -23.51 -4.69 -20.47
N HIS B 235 -22.38 -4.41 -19.85
CA HIS B 235 -22.06 -3.06 -19.42
C HIS B 235 -20.93 -2.49 -20.23
N LYS B 236 -21.02 -1.20 -20.51
CA LYS B 236 -19.91 -0.47 -21.11
C LYS B 236 -18.81 -0.21 -20.08
N GLU B 237 -19.22 0.04 -18.82
CA GLU B 237 -18.29 0.45 -17.77
C GLU B 237 -18.47 -0.38 -16.51
N LEU B 238 -17.37 -0.82 -15.91
CA LEU B 238 -17.42 -1.39 -14.56
C LEU B 238 -16.02 -1.38 -13.95
N ILE B 239 -15.96 -1.62 -12.63
CA ILE B 239 -14.70 -1.69 -11.92
C ILE B 239 -14.67 -3.02 -11.15
N VAL B 240 -13.51 -3.67 -11.09
CA VAL B 240 -13.35 -4.87 -10.27
C VAL B 240 -12.19 -4.65 -9.32
N ALA B 241 -12.44 -4.88 -8.03
CA ALA B 241 -11.37 -4.89 -7.05
C ALA B 241 -11.23 -6.32 -6.59
N SER B 242 -10.11 -6.95 -6.96
CA SER B 242 -9.92 -8.36 -6.68
C SER B 242 -8.72 -8.58 -5.79
N SER B 243 -8.71 -9.72 -5.10
CA SER B 243 -7.69 -10.03 -4.12
C SER B 243 -7.16 -11.45 -4.32
N TYR B 244 -5.86 -11.60 -4.16
CA TYR B 244 -5.21 -12.91 -4.13
C TYR B 244 -4.84 -13.31 -2.70
N SER B 245 -5.31 -12.54 -1.73
CA SER B 245 -4.96 -12.81 -0.34
C SER B 245 -5.40 -14.21 0.12
N ASN B 247 -7.11 -16.72 -1.92
CA ASN B 247 -6.92 -17.85 -2.85
C ASN B 247 -5.46 -18.29 -3.11
N PHE B 248 -4.50 -17.47 -2.73
CA PHE B 248 -3.08 -17.85 -2.73
C PHE B 248 -2.52 -17.96 -1.32
N ALA B 249 -3.38 -17.78 -0.31
CA ALA B 249 -2.97 -17.71 1.09
C ALA B 249 -1.77 -16.76 1.26
N LEU B 250 -1.90 -15.56 0.69
CA LEU B 250 -0.79 -14.62 0.58
C LEU B 250 -1.15 -13.36 1.31
N TYR B 251 -2.02 -13.49 2.31
CA TYR B 251 -2.63 -12.35 3.02
C TYR B 251 -1.67 -11.16 3.26
N ASN B 252 -0.53 -11.42 3.90
CA ASN B 252 0.31 -10.33 4.39
C ASN B 252 1.21 -9.73 3.32
N GLU B 253 1.14 -10.25 2.11
CA GLU B 253 1.99 -9.72 1.03
C GLU B 253 1.28 -8.66 0.19
N ARG B 254 -0.03 -8.52 0.42
CA ARG B 254 -0.87 -7.44 -0.10
C ARG B 254 -0.96 -7.47 -1.62
N VAL B 255 -1.70 -8.45 -2.09
CA VAL B 255 -1.72 -8.80 -3.49
C VAL B 255 -3.14 -8.70 -4.03
N GLY B 256 -3.37 -7.64 -4.80
CA GLY B 256 -4.70 -7.34 -5.29
C GLY B 256 -4.63 -6.61 -6.61
N ALA B 257 -5.79 -6.27 -7.16
CA ALA B 257 -5.83 -5.61 -8.46
C ALA B 257 -7.07 -4.76 -8.57
N CYS B 258 -6.90 -3.58 -9.14
CA CYS B 258 -8.03 -2.76 -9.51
C CYS B 258 -8.12 -2.77 -11.03
N THR B 259 -9.21 -3.33 -11.55
CA THR B 259 -9.44 -3.38 -12.98
C THR B 259 -10.56 -2.43 -13.43
N LEU B 260 -10.22 -1.58 -14.38
CA LEU B 260 -11.11 -0.57 -14.89
C LEU B 260 -11.57 -1.04 -16.27
N VAL B 261 -12.87 -1.03 -16.50
CA VAL B 261 -13.38 -1.28 -17.86
C VAL B 261 -14.23 -0.16 -18.41
N ALA B 262 -13.97 0.22 -19.65
CA ALA B 262 -14.74 1.28 -20.28
C ALA B 262 -15.27 0.79 -21.64
N ALA B 263 -16.03 1.64 -22.31
CA ALA B 263 -16.73 1.26 -23.55
C ALA B 263 -15.74 0.86 -24.64
N ASP B 264 -14.56 1.49 -24.66
CA ASP B 264 -13.53 1.20 -25.64
C ASP B 264 -12.13 1.54 -25.12
N SER B 265 -11.12 1.22 -25.94
CA SER B 265 -9.71 1.33 -25.56
C SER B 265 -9.26 2.79 -25.33
N GLU B 266 -9.66 3.70 -26.21
CA GLU B 266 -9.35 5.12 -26.04
C GLU B 266 -9.80 5.60 -24.66
N THR B 267 -11.05 5.27 -24.31
CA THR B 267 -11.64 5.70 -23.05
C THR B 267 -10.96 5.07 -21.83
N VAL B 268 -10.74 3.75 -21.84
CA VAL B 268 -10.13 3.10 -20.66
C VAL B 268 -8.68 3.58 -20.46
N ASP B 269 -7.95 3.80 -21.54
CA ASP B 269 -6.56 4.26 -21.45
C ASP B 269 -6.49 5.66 -20.87
N ARG B 270 -7.38 6.53 -21.33
CA ARG B 270 -7.45 7.90 -20.82
C ARG B 270 -7.86 7.91 -19.34
N ALA B 271 -8.92 7.19 -19.00
CA ALA B 271 -9.34 7.04 -17.61
C ALA B 271 -8.23 6.42 -16.74
N PHE B 272 -7.57 5.39 -17.26
CA PHE B 272 -6.55 4.69 -16.48
C PHE B 272 -5.37 5.59 -16.11
N GLY B 273 -5.02 6.54 -17.00
CA GLY B 273 -4.02 7.57 -16.67
C GLY B 273 -4.35 8.32 -15.39
N GLN B 274 -5.64 8.62 -15.18
CA GLN B 274 -6.07 9.26 -13.94
C GLN B 274 -6.07 8.29 -12.76
N MET B 275 -6.37 7.02 -13.02
CA MET B 275 -6.22 5.99 -11.97
C MET B 275 -4.78 5.91 -11.49
N LYS B 276 -3.81 5.95 -12.41
CA LYS B 276 -2.39 5.97 -12.01
C LYS B 276 -2.06 7.21 -11.17
N ALA B 277 -2.62 8.36 -11.52
CA ALA B 277 -2.40 9.59 -10.74
C ALA B 277 -2.91 9.38 -9.29
N ALA B 278 -4.06 8.72 -9.16
CA ALA B 278 -4.64 8.43 -7.84
C ALA B 278 -3.77 7.48 -7.00
N ILE B 279 -3.10 6.54 -7.67
CA ILE B 279 -2.14 5.67 -6.98
C ILE B 279 -0.89 6.45 -6.58
N ARG B 280 -0.38 7.24 -7.52
CA ARG B 280 0.84 8.04 -7.27
C ARG B 280 0.72 8.90 -6.01
N ALA B 281 -0.46 9.47 -5.79
CA ALA B 281 -0.70 10.38 -4.68
C ALA B 281 -0.97 9.62 -3.37
N ASN B 282 -0.94 8.29 -3.45
CA ASN B 282 -1.20 7.42 -2.31
C ASN B 282 0.12 6.71 -1.97
N TYR B 283 0.43 5.55 -2.58
CA TYR B 283 1.60 4.77 -2.16
C TYR B 283 2.62 4.62 -3.32
N SER B 284 2.36 5.35 -4.40
CA SER B 284 3.21 5.50 -5.60
C SER B 284 3.30 4.27 -6.51
N SER B 285 3.65 3.12 -5.97
CA SER B 285 3.74 1.88 -6.77
C SER B 285 3.60 0.69 -5.83
N PRO B 286 3.17 -0.45 -6.34
CA PRO B 286 2.77 -1.54 -5.47
C PRO B 286 3.93 -2.51 -5.11
N PRO B 287 3.76 -3.30 -4.06
CA PRO B 287 4.82 -4.21 -3.62
C PRO B 287 4.99 -5.42 -4.55
N ALA B 288 6.22 -5.66 -4.91
CA ALA B 288 6.54 -6.63 -5.95
C ALA B 288 6.39 -8.08 -5.54
N HIS B 289 6.84 -8.44 -4.33
CA HIS B 289 7.06 -9.84 -3.98
C HIS B 289 5.81 -10.71 -4.14
N GLY B 290 4.70 -10.32 -3.51
CA GLY B 290 3.49 -11.14 -3.61
C GLY B 290 2.93 -11.26 -5.03
N ALA B 291 2.88 -10.14 -5.74
CA ALA B 291 2.37 -10.14 -7.11
C ALA B 291 3.28 -10.95 -8.05
N SER B 292 4.60 -10.88 -7.86
CA SER B 292 5.52 -11.67 -8.68
C SER B 292 5.24 -13.15 -8.47
N VAL B 293 4.96 -13.52 -7.21
CA VAL B 293 4.64 -14.92 -6.89
C VAL B 293 3.40 -15.37 -7.66
N VAL B 294 2.35 -14.55 -7.60
CA VAL B 294 1.11 -14.86 -8.29
C VAL B 294 1.35 -14.96 -9.80
N ALA B 295 2.05 -13.98 -10.37
CA ALA B 295 2.34 -13.99 -11.81
C ALA B 295 3.16 -15.22 -12.23
N THR B 296 4.17 -15.56 -11.41
CA THR B 296 5.03 -16.73 -11.63
C THR B 296 4.21 -18.02 -11.65
N ILE B 297 3.31 -18.15 -10.69
CA ILE B 297 2.40 -19.31 -10.65
C ILE B 297 1.43 -19.38 -11.81
N LEU B 298 0.69 -18.29 -12.06
CA LEU B 298 -0.36 -18.32 -13.09
C LEU B 298 0.20 -18.47 -14.51
N SER B 299 1.43 -18.01 -14.73
CA SER B 299 2.02 -18.04 -16.07
C SER B 299 2.82 -19.33 -16.38
N ASN B 300 2.86 -20.25 -15.42
CA ASN B 300 3.58 -21.52 -15.58
C ASN B 300 2.59 -22.67 -15.41
N ASP B 301 2.38 -23.44 -16.48
CA ASP B 301 1.32 -24.46 -16.49
C ASP B 301 1.47 -25.44 -15.34
N ALA B 302 2.68 -25.90 -15.08
CA ALA B 302 2.93 -26.88 -14.02
C ALA B 302 2.66 -26.30 -12.64
N LEU B 303 3.17 -25.10 -12.39
CA LEU B 303 2.98 -24.44 -11.11
C LEU B 303 1.51 -24.11 -10.87
N ARG B 304 0.83 -23.69 -11.93
CA ARG B 304 -0.57 -23.28 -11.84
C ARG B 304 -1.44 -24.48 -11.47
N ALA B 305 -1.10 -25.63 -12.06
CA ALA B 305 -1.80 -26.89 -11.77
C ALA B 305 -1.67 -27.26 -10.31
N ILE B 306 -0.47 -27.09 -9.74
CA ILE B 306 -0.24 -27.35 -8.33
C ILE B 306 -1.11 -26.42 -7.48
N TRP B 307 -1.07 -25.12 -7.81
CA TRP B 307 -1.84 -24.12 -7.06
C TRP B 307 -3.36 -24.42 -7.07
N GLU B 308 -3.90 -24.66 -8.26
CA GLU B 308 -5.33 -24.96 -8.44
C GLU B 308 -5.81 -26.11 -7.55
N GLN B 309 -4.96 -27.12 -7.38
CA GLN B 309 -5.28 -28.27 -6.53
C GLN B 309 -5.21 -27.87 -5.06
N GLU B 310 -4.23 -27.04 -4.71
CA GLU B 310 -4.14 -26.54 -3.35
C GLU B 310 -5.38 -25.69 -3.01
N LEU B 311 -5.84 -24.89 -3.96
CA LEU B 311 -7.07 -24.13 -3.79
C LEU B 311 -8.30 -25.05 -3.60
N THR B 312 -8.47 -26.05 -4.47
CA THR B 312 -9.60 -26.95 -4.23
C THR B 312 -9.49 -27.76 -2.94
N ASP B 313 -8.26 -28.06 -2.50
CA ASP B 313 -8.03 -28.67 -1.19
C ASP B 313 -8.54 -27.83 -0.01
N MET B 314 -8.26 -26.53 -0.05
CA MET B 314 -8.77 -25.62 0.97
C MET B 314 -10.29 -25.60 0.96
N ARG B 315 -10.86 -25.47 -0.23
CA ARG B 315 -12.31 -25.45 -0.38
C ARG B 315 -12.90 -26.74 0.19
N GLN B 316 -12.29 -27.86 -0.11
CA GLN B 316 -12.83 -29.14 0.37
C GLN B 316 -12.78 -29.21 1.89
N ARG B 317 -11.68 -28.78 2.49
CA ARG B 317 -11.59 -28.82 3.95
C ARG B 317 -12.65 -27.95 4.63
N ILE B 318 -12.86 -26.73 4.10
CA ILE B 318 -13.89 -25.83 4.65
C ILE B 318 -15.27 -26.50 4.59
N GLN B 319 -15.60 -27.10 3.46
CA GLN B 319 -16.89 -27.78 3.31
C GLN B 319 -17.06 -28.94 4.30
N ARG B 320 -15.97 -29.66 4.59
CA ARG B 320 -16.03 -30.71 5.60
C ARG B 320 -16.29 -30.12 6.99
N MET B 321 -15.63 -28.99 7.28
CA MET B 321 -15.86 -28.32 8.53
C MET B 321 -17.29 -27.80 8.67
N ARG B 322 -17.90 -27.33 7.58
CA ARG B 322 -19.31 -26.91 7.64
C ARG B 322 -20.18 -28.09 8.10
N GLN B 323 -19.97 -29.24 7.48
CA GLN B 323 -20.74 -30.42 7.83
C GLN B 323 -20.47 -30.87 9.27
N LEU B 324 -19.19 -30.91 9.67
CA LEU B 324 -18.83 -31.30 11.05
C LEU B 324 -19.38 -30.33 12.09
N PHE B 325 -19.38 -29.04 11.75
CA PHE B 325 -19.93 -28.00 12.62
C PHE B 325 -21.42 -28.24 12.88
N VAL B 326 -22.20 -28.36 11.82
CA VAL B 326 -23.63 -28.66 11.97
C VAL B 326 -23.85 -29.97 12.75
N ASN B 327 -23.11 -31.03 12.42
CA ASN B 327 -23.29 -32.34 13.12
C ASN B 327 -22.92 -32.23 14.60
N THR B 328 -21.81 -31.56 14.90
CA THR B 328 -21.35 -31.48 16.27
C THR B 328 -22.25 -30.58 17.12
N LEU B 329 -22.74 -29.47 16.58
CA LEU B 329 -23.73 -28.68 17.35
C LEU B 329 -24.93 -29.56 17.73
N GLN B 330 -25.40 -30.36 16.77
CA GLN B 330 -26.45 -31.36 16.95
C GLN B 330 -26.11 -32.28 18.10
N GLU B 331 -24.96 -32.95 17.98
CA GLU B 331 -24.49 -33.91 18.97
C GLU B 331 -24.35 -33.31 20.38
N LYS B 332 -23.89 -32.06 20.44
CA LYS B 332 -23.68 -31.37 21.72
C LYS B 332 -24.96 -30.75 22.31
N GLY B 333 -26.07 -30.90 21.60
CA GLY B 333 -27.40 -30.67 22.19
C GLY B 333 -28.02 -29.35 21.78
N ALA B 334 -27.57 -28.78 20.68
CA ALA B 334 -28.20 -27.55 20.17
C ALA B 334 -29.57 -27.91 19.62
N ASN B 335 -30.56 -27.09 19.95
CA ASN B 335 -31.91 -27.26 19.43
C ASN B 335 -32.21 -26.36 18.23
N ARG B 336 -31.51 -25.23 18.15
CA ARG B 336 -31.50 -24.47 16.90
C ARG B 336 -30.92 -25.29 15.77
N ASP B 337 -31.67 -25.31 14.66
CA ASP B 337 -31.28 -25.99 13.44
C ASP B 337 -30.26 -25.13 12.68
N PHE B 338 -29.05 -25.67 12.49
CA PHE B 338 -27.99 -24.92 11.83
C PHE B 338 -27.70 -25.45 10.42
N SER B 339 -28.63 -26.23 9.89
CA SER B 339 -28.46 -26.82 8.55
C SER B 339 -28.17 -25.79 7.47
N PHE B 340 -28.68 -24.58 7.64
CA PHE B 340 -28.48 -23.50 6.67
C PHE B 340 -26.99 -23.21 6.44
N ILE B 341 -26.16 -23.48 7.46
CA ILE B 341 -24.72 -23.25 7.38
C ILE B 341 -24.09 -23.99 6.20
N ILE B 342 -24.65 -25.15 5.87
CA ILE B 342 -24.14 -26.02 4.83
C ILE B 342 -24.23 -25.37 3.45
N LYS B 343 -25.22 -24.50 3.27
CA LYS B 343 -25.44 -23.88 1.97
C LYS B 343 -24.67 -22.55 1.80
N GLN B 344 -23.95 -22.12 2.83
CA GLN B 344 -23.20 -20.87 2.74
C GLN B 344 -21.88 -21.10 2.00
N ASN B 345 -21.49 -20.15 1.15
CA ASN B 345 -20.26 -20.22 0.35
C ASN B 345 -19.13 -19.43 0.99
N GLY B 346 -17.91 -19.93 0.89
CA GLY B 346 -16.72 -19.18 1.34
C GLY B 346 -16.21 -19.73 2.65
N MET B 347 -15.58 -18.87 3.44
CA MET B 347 -14.87 -19.27 4.63
C MET B 347 -15.71 -19.13 5.87
N PHE B 348 -16.76 -18.31 5.79
CA PHE B 348 -17.49 -17.93 6.99
C PHE B 348 -18.82 -18.64 7.17
N SER B 349 -19.28 -18.65 8.42
CA SER B 349 -20.69 -18.90 8.71
C SER B 349 -21.31 -17.68 9.37
N PHE B 350 -22.39 -17.20 8.78
CA PHE B 350 -23.17 -16.15 9.40
C PHE B 350 -24.17 -16.87 10.30
N SER B 351 -23.81 -17.02 11.57
CA SER B 351 -24.41 -18.02 12.45
C SER B 351 -25.70 -17.58 13.13
N GLY B 352 -25.93 -16.28 13.20
CA GLY B 352 -27.12 -15.75 13.83
C GLY B 352 -26.95 -15.60 15.33
N LEU B 353 -25.72 -15.78 15.80
CA LEU B 353 -25.40 -15.45 17.19
C LEU B 353 -25.52 -13.96 17.40
N THR B 354 -26.09 -13.56 18.54
CA THR B 354 -26.25 -12.15 18.87
C THR B 354 -24.95 -11.57 19.40
N LYS B 355 -24.89 -10.24 19.46
CA LYS B 355 -23.76 -9.53 20.04
C LYS B 355 -23.49 -9.92 21.51
N GLU B 356 -24.54 -10.15 22.28
CA GLU B 356 -24.37 -10.62 23.66
C GLU B 356 -23.78 -12.03 23.73
N GLN B 357 -24.27 -12.91 22.86
CA GLN B 357 -23.77 -14.29 22.81
C GLN B 357 -22.30 -14.35 22.36
N VAL B 358 -21.95 -13.50 21.40
CA VAL B 358 -20.56 -13.44 20.92
C VAL B 358 -19.63 -12.98 22.04
N LEU B 359 -20.08 -11.98 22.80
CA LEU B 359 -19.31 -11.44 23.92
C LEU B 359 -19.12 -12.49 25.01
N ARG B 360 -20.18 -13.25 25.29
CA ARG B 360 -20.07 -14.31 26.31
C ARG B 360 -19.14 -15.45 25.86
N LEU B 361 -19.24 -15.84 24.59
CA LEU B 361 -18.31 -16.79 24.00
C LEU B 361 -16.87 -16.35 24.26
N ARG B 362 -16.60 -15.06 24.06
CA ARG B 362 -15.26 -14.52 24.29
C ARG B 362 -14.88 -14.57 25.76
N GLU B 363 -15.71 -13.95 26.60
CA GLU B 363 -15.37 -13.75 28.02
C GLU B 363 -15.41 -15.04 28.83
N GLU B 364 -16.37 -15.91 28.53
CA GLU B 364 -16.57 -17.12 29.31
C GLU B 364 -15.83 -18.34 28.75
N PHE B 365 -15.66 -18.42 27.44
CA PHE B 365 -15.14 -19.64 26.82
C PHE B 365 -13.87 -19.45 25.99
N GLY B 366 -13.45 -18.21 25.80
CA GLY B 366 -12.25 -17.95 25.02
C GLY B 366 -12.43 -18.30 23.55
N VAL B 367 -13.66 -18.20 23.07
CA VAL B 367 -14.02 -18.45 21.68
C VAL B 367 -14.30 -17.11 21.01
N TYR B 368 -13.54 -16.81 19.94
CA TYR B 368 -13.54 -15.45 19.37
C TYR B 368 -14.22 -15.41 18.00
N ALA B 369 -15.40 -14.80 17.96
CA ALA B 369 -16.11 -14.53 16.70
C ALA B 369 -16.23 -13.01 16.50
N VAL B 370 -16.64 -12.58 15.31
CA VAL B 370 -16.88 -11.17 15.07
C VAL B 370 -18.24 -10.84 15.69
N ALA B 371 -18.40 -9.61 16.21
CA ALA B 371 -19.62 -9.26 16.96
C ALA B 371 -20.93 -9.43 16.14
N SER B 372 -20.79 -9.44 14.82
CA SER B 372 -21.92 -9.65 13.91
C SER B 372 -22.40 -11.11 13.91
N GLY B 373 -21.65 -11.97 14.63
CA GLY B 373 -21.92 -13.41 14.67
C GLY B 373 -21.28 -14.17 13.52
N ARG B 374 -20.44 -13.48 12.76
CA ARG B 374 -19.68 -14.13 11.71
C ARG B 374 -18.59 -14.99 12.35
N VAL B 375 -18.55 -16.26 11.96
CA VAL B 375 -17.54 -17.19 12.46
C VAL B 375 -16.71 -17.67 11.29
N ASN B 376 -15.42 -17.84 11.51
CA ASN B 376 -14.54 -18.35 10.47
C ASN B 376 -14.56 -19.87 10.49
N VAL B 377 -15.31 -20.47 9.56
CA VAL B 377 -15.36 -21.93 9.45
C VAL B 377 -14.00 -22.51 9.05
N ALA B 378 -13.23 -21.76 8.27
CA ALA B 378 -11.87 -22.19 7.88
C ALA B 378 -10.85 -22.28 9.02
N GLY B 379 -11.25 -21.80 10.19
CA GLY B 379 -10.41 -21.90 11.39
C GLY B 379 -10.86 -23.05 12.30
N MET B 380 -11.90 -23.75 11.88
CA MET B 380 -12.40 -24.92 12.62
C MET B 380 -11.62 -26.15 12.22
N THR B 381 -11.52 -27.08 13.16
CA THR B 381 -10.54 -28.12 13.05
C THR B 381 -11.16 -29.35 13.75
N PRO B 382 -10.79 -30.57 13.36
CA PRO B 382 -11.28 -31.74 14.10
C PRO B 382 -11.02 -31.67 15.60
N ASP B 383 -9.90 -31.08 16.01
CA ASP B 383 -9.53 -30.96 17.42
C ASP B 383 -10.25 -29.87 18.19
N ASN B 384 -10.61 -28.77 17.52
CA ASN B 384 -11.27 -27.69 18.26
C ASN B 384 -12.79 -27.72 18.11
N MET B 385 -13.31 -28.61 17.28
CA MET B 385 -14.73 -28.56 16.95
C MET B 385 -15.59 -28.82 18.18
N ALA B 386 -15.26 -29.87 18.93
CA ALA B 386 -16.13 -30.22 20.06
C ALA B 386 -16.20 -29.14 21.13
N PRO B 387 -15.05 -28.58 21.60
CA PRO B 387 -15.12 -27.50 22.58
C PRO B 387 -15.81 -26.22 22.07
N LEU B 388 -15.56 -25.88 20.81
CA LEU B 388 -16.21 -24.75 20.15
C LEU B 388 -17.74 -24.91 20.14
N CYS B 389 -18.20 -26.10 19.78
CA CYS B 389 -19.64 -26.40 19.77
C CYS B 389 -20.25 -26.48 21.16
N GLU B 390 -19.50 -27.04 22.12
CA GLU B 390 -19.98 -27.02 23.51
C GLU B 390 -20.16 -25.58 23.99
N ALA B 391 -19.22 -24.71 23.63
CA ALA B 391 -19.31 -23.29 24.00
C ALA B 391 -20.55 -22.59 23.39
N ILE B 392 -20.80 -22.82 22.11
CA ILE B 392 -21.95 -22.23 21.44
C ILE B 392 -23.27 -22.75 22.05
N VAL B 393 -23.39 -24.06 22.21
CA VAL B 393 -24.54 -24.64 22.90
C VAL B 393 -24.77 -23.95 24.26
N ALA B 394 -23.69 -23.65 24.99
CA ALA B 394 -23.81 -23.04 26.32
C ALA B 394 -24.40 -21.62 26.30
N VAL B 395 -24.15 -20.86 25.23
CA VAL B 395 -24.60 -19.46 25.16
C VAL B 395 -25.95 -19.23 24.43
N LEU B 396 -26.44 -20.21 23.67
CA LEU B 396 -27.72 -20.01 23.00
C LEU B 396 -28.93 -20.24 23.91
#